data_5XFP
#
_entry.id   5XFP
#
_cell.length_a   109.601
_cell.length_b   110.291
_cell.length_c   118.853
_cell.angle_alpha   90.00
_cell.angle_beta   90.00
_cell.angle_gamma   90.00
#
_symmetry.space_group_name_H-M   'P 21 21 21'
#
loop_
_entity.id
_entity.type
_entity.pdbx_description
1 polymer 'PHD finger protein 1'
2 polymer "DNA (5'-D(*GP*GP*GP*CP*GP*GP*CP*CP*GP*CP*CP*CP*T)-3')"
3 non-polymer 'ZINC ION'
4 non-polymer 2-AMINO-2-HYDROXYMETHYL-PROPANE-1,3-DIOL
5 water water
#
loop_
_entity_poly.entity_id
_entity_poly.type
_entity_poly.pdbx_seq_one_letter_code
_entity_poly.pdbx_strand_id
1 'polypeptide(L)'
;SGPRPRLWEGQDVLARWTDGLLYLGTIKKVDSAREVCLVQFEDDSQFLVLWKDISPAALPGEELLCCVCRSETVVPGNRL
VSCEKCRHAYHQDCHVPRAPAPGEGEGTSWVCRQCVFAIATKRGGALKKGPYARAMLGMKLSLPYGLKGLDWDAGHLSNR
QQSYCYCGGPGEWNLKMLQCRSCLQWFHEACTQCLSKPLLYGDRFYEFECCVCRGGPEKVRRLQLRWVDVAHLVLYHLSV
CCKKKYFDFDREILPFTSENWDSLLLGELSDTPKGERSSRLLSALNSHKDRFISGREIKKRKCLFGLHARMPPPVEPPTG
DGALTSFPSGQGPGGG
;
A,B,E
2 'polydeoxyribonucleotide' (DG)(DG)(DG)(DC)(DG)(DG)(DC)(DC)(DG)(DC)(DC)(DC)(DT) C,D
#
# COMPACT_ATOMS: atom_id res chain seq x y z
N PRO A 5 2.49 -5.10 -18.00
CA PRO A 5 2.11 -5.24 -16.60
C PRO A 5 2.75 -4.18 -15.72
N ARG A 6 3.57 -4.61 -14.76
CA ARG A 6 4.33 -3.69 -13.92
C ARG A 6 5.82 -3.99 -14.13
N LEU A 7 6.12 -5.25 -14.41
CA LEU A 7 7.48 -5.71 -14.63
C LEU A 7 7.59 -6.41 -15.97
N TRP A 8 8.68 -6.14 -16.69
CA TRP A 8 8.92 -6.76 -18.00
C TRP A 8 10.33 -7.32 -18.08
N GLU A 9 10.57 -8.19 -19.06
CA GLU A 9 11.89 -8.77 -19.26
C GLU A 9 12.88 -7.69 -19.70
N GLY A 10 14.09 -7.75 -19.16
CA GLY A 10 15.13 -6.80 -19.51
C GLY A 10 15.10 -5.54 -18.66
N GLN A 11 14.07 -5.39 -17.83
CA GLN A 11 13.93 -4.23 -16.97
C GLN A 11 14.98 -4.22 -15.87
N ASP A 12 15.55 -3.04 -15.60
CA ASP A 12 16.51 -2.89 -14.51
C ASP A 12 15.78 -2.45 -13.23
N VAL A 13 15.96 -3.20 -12.16
CA VAL A 13 15.29 -2.91 -10.89
C VAL A 13 16.23 -2.98 -9.70
N LEU A 14 15.71 -2.64 -8.54
CA LEU A 14 16.41 -2.85 -7.28
C LEU A 14 15.76 -4.01 -6.54
N ALA A 15 16.56 -5.01 -6.21
CA ALA A 15 16.06 -6.20 -5.52
C ALA A 15 16.64 -6.29 -4.12
N ARG A 16 15.78 -6.48 -3.13
CA ARG A 16 16.26 -6.69 -1.77
C ARG A 16 16.59 -8.16 -1.56
N TRP A 17 17.83 -8.42 -1.14
CA TRP A 17 18.33 -9.77 -0.95
C TRP A 17 18.07 -10.24 0.48
N THR A 18 18.38 -11.50 0.77
CA THR A 18 18.14 -12.09 2.08
C THR A 18 19.05 -11.54 3.17
N ASP A 19 19.94 -10.61 2.82
CA ASP A 19 20.75 -9.93 3.82
C ASP A 19 20.17 -8.55 4.12
N GLY A 20 19.02 -8.26 3.53
CA GLY A 20 18.34 -6.99 3.76
C GLY A 20 18.84 -5.85 2.90
N LEU A 21 19.85 -6.13 2.08
CA LEU A 21 20.47 -5.08 1.26
C LEU A 21 19.88 -5.02 -0.14
N LEU A 22 20.06 -3.88 -0.80
CA LEU A 22 19.58 -3.68 -2.16
C LEU A 22 20.69 -3.91 -3.18
N TYR A 23 20.34 -4.57 -4.27
CA TYR A 23 21.28 -4.85 -5.35
C TYR A 23 20.66 -4.51 -6.69
N LEU A 24 21.46 -3.93 -7.59
CA LEU A 24 21.02 -3.67 -8.96
C LEU A 24 20.87 -4.98 -9.71
N GLY A 25 19.76 -5.13 -10.43
CA GLY A 25 19.50 -6.35 -11.17
C GLY A 25 18.66 -6.15 -12.40
N THR A 26 18.68 -7.16 -13.28
CA THR A 26 17.90 -7.16 -14.51
C THR A 26 16.93 -8.33 -14.53
N ILE A 27 15.65 -8.04 -14.75
CA ILE A 27 14.63 -9.08 -14.80
C ILE A 27 14.77 -9.94 -16.06
N LYS A 28 14.91 -11.25 -15.86
CA LYS A 28 15.07 -12.17 -16.98
C LYS A 28 13.76 -12.89 -17.30
N LYS A 29 13.05 -13.31 -16.26
CA LYS A 29 11.76 -13.97 -16.43
C LYS A 29 10.73 -13.41 -15.45
N VAL A 30 9.49 -13.31 -15.89
CA VAL A 30 8.42 -12.83 -15.03
C VAL A 30 7.37 -13.91 -14.81
N ASP A 31 7.15 -14.26 -13.55
CA ASP A 31 6.14 -15.24 -13.20
C ASP A 31 4.98 -14.54 -12.50
N SER A 32 3.90 -14.30 -13.24
CA SER A 32 2.76 -13.57 -12.72
C SER A 32 1.90 -14.41 -11.76
N ALA A 33 1.95 -15.72 -11.92
CA ALA A 33 1.16 -16.62 -11.08
C ALA A 33 1.70 -16.69 -9.66
N ARG A 34 3.00 -16.90 -9.52
CA ARG A 34 3.63 -17.03 -8.21
C ARG A 34 4.17 -15.68 -7.72
N GLU A 35 4.10 -14.68 -8.60
CA GLU A 35 4.57 -13.33 -8.31
C GLU A 35 6.05 -13.30 -7.93
N VAL A 36 6.86 -13.94 -8.75
CA VAL A 36 8.30 -13.93 -8.57
C VAL A 36 8.98 -13.64 -9.91
N CYS A 37 10.21 -13.15 -9.86
CA CYS A 37 10.98 -12.89 -11.07
C CYS A 37 12.35 -13.55 -10.98
N LEU A 38 12.81 -14.09 -12.11
CA LEU A 38 14.20 -14.52 -12.20
C LEU A 38 15.04 -13.28 -12.48
N VAL A 39 15.88 -12.92 -11.52
CA VAL A 39 16.67 -11.70 -11.62
C VAL A 39 18.16 -12.01 -11.70
N GLN A 40 18.84 -11.37 -12.64
CA GLN A 40 20.28 -11.52 -12.77
C GLN A 40 20.99 -10.29 -12.23
N PHE A 41 22.03 -10.51 -11.43
CA PHE A 41 22.75 -9.40 -10.81
C PHE A 41 24.08 -9.12 -11.51
N GLU A 42 24.86 -8.22 -10.94
CA GLU A 42 26.09 -7.76 -11.58
C GLU A 42 27.16 -8.84 -11.66
N ASP A 43 27.13 -9.80 -10.73
CA ASP A 43 28.08 -10.91 -10.76
C ASP A 43 27.51 -12.08 -11.54
N ASP A 44 26.54 -11.79 -12.41
CA ASP A 44 25.95 -12.78 -13.32
C ASP A 44 25.28 -13.95 -12.60
N SER A 45 25.03 -13.81 -11.31
CA SER A 45 24.27 -14.81 -10.57
C SER A 45 22.78 -14.58 -10.79
N GLN A 46 22.01 -15.66 -10.81
CA GLN A 46 20.57 -15.58 -11.05
C GLN A 46 19.78 -16.17 -9.88
N PHE A 47 18.80 -15.42 -9.38
CA PHE A 47 17.99 -15.87 -8.25
C PHE A 47 16.53 -15.46 -8.41
N LEU A 48 15.64 -16.23 -7.79
CA LEU A 48 14.22 -15.87 -7.75
C LEU A 48 14.00 -14.79 -6.69
N VAL A 49 13.27 -13.75 -7.07
CA VAL A 49 12.98 -12.64 -6.16
C VAL A 49 11.50 -12.34 -6.14
N LEU A 50 10.90 -12.38 -4.96
CA LEU A 50 9.48 -12.05 -4.79
C LEU A 50 9.23 -10.63 -5.28
N TRP A 51 8.01 -10.38 -5.75
CA TRP A 51 7.65 -9.06 -6.25
C TRP A 51 7.71 -7.98 -5.17
N LYS A 52 7.44 -8.36 -3.92
CA LYS A 52 7.50 -7.40 -2.82
C LYS A 52 8.91 -6.89 -2.59
N ASP A 53 9.89 -7.62 -3.11
CA ASP A 53 11.30 -7.27 -2.92
C ASP A 53 11.89 -6.66 -4.18
N ILE A 54 11.04 -6.34 -5.14
CA ILE A 54 11.48 -5.72 -6.38
C ILE A 54 11.01 -4.27 -6.48
N SER A 55 11.96 -3.35 -6.63
CA SER A 55 11.65 -1.93 -6.75
C SER A 55 11.96 -1.41 -8.14
N PRO A 56 10.91 -1.20 -8.95
CA PRO A 56 11.08 -0.59 -10.27
C PRO A 56 11.35 0.91 -10.17
N ALA A 57 12.05 1.47 -11.14
CA ALA A 57 12.35 2.90 -11.14
C ALA A 57 11.07 3.71 -11.34
N ALA A 58 10.99 4.85 -10.65
CA ALA A 58 9.84 5.73 -10.78
C ALA A 58 9.75 6.29 -12.19
N LEU A 59 8.53 6.44 -12.70
CA LEU A 59 8.32 6.99 -14.02
C LEU A 59 8.26 8.52 -13.97
N PRO A 60 8.90 9.19 -14.94
CA PRO A 60 8.84 10.65 -15.01
C PRO A 60 7.43 11.15 -15.30
N GLY A 61 6.62 10.29 -15.92
CA GLY A 61 5.25 10.62 -16.27
C GLY A 61 4.21 9.98 -15.37
N GLU A 62 4.67 9.38 -14.28
CA GLU A 62 3.76 8.87 -13.24
C GLU A 62 3.69 9.88 -12.10
N GLU A 63 3.06 11.02 -12.35
CA GLU A 63 3.04 12.12 -11.41
C GLU A 63 1.97 11.98 -10.33
N LEU A 64 2.44 11.96 -9.08
CA LEU A 64 1.58 12.05 -7.90
C LEU A 64 0.47 11.00 -7.85
N LEU A 65 0.86 9.74 -8.00
CA LEU A 65 -0.03 8.63 -7.66
C LEU A 65 0.71 7.72 -6.69
N CYS A 66 -0.02 7.17 -5.73
CA CYS A 66 0.57 6.32 -4.72
C CYS A 66 1.14 5.04 -5.33
N CYS A 67 2.42 4.79 -5.11
CA CYS A 67 3.07 3.62 -5.67
C CYS A 67 2.61 2.35 -4.95
N VAL A 68 1.88 2.52 -3.86
CA VAL A 68 1.39 1.41 -3.07
C VAL A 68 -0.04 1.01 -3.47
N CYS A 69 -0.98 1.93 -3.36
CA CYS A 69 -2.38 1.65 -3.63
C CYS A 69 -2.81 2.01 -5.05
N ARG A 70 -1.89 2.59 -5.80
CA ARG A 70 -2.08 2.92 -7.23
C ARG A 70 -3.14 3.99 -7.49
N SER A 71 -3.82 4.45 -6.44
CA SER A 71 -4.86 5.46 -6.61
C SER A 71 -4.29 6.87 -6.76
N GLU A 72 -5.05 7.74 -7.41
CA GLU A 72 -4.69 9.15 -7.50
C GLU A 72 -5.61 9.97 -6.61
N THR A 73 -6.65 9.32 -6.10
CA THR A 73 -7.62 9.96 -5.23
C THR A 73 -6.98 10.53 -3.97
N VAL A 74 -7.15 11.83 -3.77
CA VAL A 74 -6.57 12.49 -2.61
C VAL A 74 -7.68 12.99 -1.68
N VAL A 75 -7.39 13.00 -0.39
CA VAL A 75 -8.33 13.47 0.62
C VAL A 75 -7.52 14.32 1.61
N PRO A 76 -8.17 15.32 2.24
CA PRO A 76 -7.51 16.20 3.21
C PRO A 76 -6.52 15.48 4.13
N GLY A 77 -7.02 14.70 5.09
CA GLY A 77 -6.17 13.98 6.03
C GLY A 77 -5.03 13.16 5.45
N ASN A 78 -5.16 12.76 4.19
CA ASN A 78 -4.19 11.87 3.56
C ASN A 78 -3.69 12.37 2.21
N ARG A 79 -2.67 13.22 2.22
CA ARG A 79 -2.12 13.78 0.98
C ARG A 79 -1.04 12.87 0.39
N LEU A 80 -0.61 13.19 -0.82
CA LEU A 80 0.48 12.45 -1.46
C LEU A 80 1.81 13.18 -1.28
N VAL A 81 2.85 12.42 -0.95
CA VAL A 81 4.18 12.97 -0.76
C VAL A 81 5.19 12.28 -1.66
N SER A 82 6.01 13.07 -2.35
CA SER A 82 7.03 12.51 -3.25
C SER A 82 8.37 12.36 -2.54
N CYS A 83 8.95 11.17 -2.61
CA CYS A 83 10.25 10.93 -2.03
C CYS A 83 11.32 11.72 -2.76
N GLU A 84 12.16 12.41 -2.00
CA GLU A 84 13.18 13.28 -2.57
C GLU A 84 14.22 12.50 -3.38
N LYS A 85 14.42 11.22 -3.04
CA LYS A 85 15.48 10.43 -3.65
C LYS A 85 15.00 9.52 -4.79
N CYS A 86 13.97 8.71 -4.55
CA CYS A 86 13.53 7.76 -5.55
C CYS A 86 12.36 8.27 -6.40
N ARG A 87 11.81 9.42 -5.99
CA ARG A 87 10.75 10.09 -6.73
C ARG A 87 9.44 9.28 -6.83
N HIS A 88 9.28 8.30 -5.95
CA HIS A 88 8.01 7.58 -5.84
C HIS A 88 7.09 8.33 -4.87
N ALA A 89 5.79 8.32 -5.17
CA ALA A 89 4.83 9.03 -4.34
C ALA A 89 4.05 8.08 -3.44
N TYR A 90 3.82 8.50 -2.20
CA TYR A 90 3.04 7.73 -1.25
C TYR A 90 1.90 8.57 -0.68
N HIS A 91 0.75 7.95 -0.46
CA HIS A 91 -0.24 8.55 0.43
C HIS A 91 0.37 8.56 1.81
N GLN A 92 0.06 9.58 2.60
CA GLN A 92 0.60 9.69 3.95
C GLN A 92 0.30 8.43 4.77
N ASP A 93 -0.89 7.86 4.57
CA ASP A 93 -1.31 6.69 5.32
C ASP A 93 -0.94 5.38 4.61
N CYS A 94 -0.40 5.48 3.40
CA CYS A 94 0.07 4.29 2.69
C CYS A 94 1.55 4.06 2.91
N HIS A 95 2.13 4.86 3.80
CA HIS A 95 3.54 4.74 4.16
C HIS A 95 3.67 4.47 5.65
N VAL A 96 4.63 3.63 6.02
CA VAL A 96 4.83 3.26 7.42
C VAL A 96 6.23 3.64 7.89
N PRO A 97 6.30 4.53 8.91
CA PRO A 97 5.15 5.18 9.56
C PRO A 97 4.56 6.29 8.69
N ARG A 98 3.49 6.92 9.18
CA ARG A 98 2.79 7.96 8.44
C ARG A 98 3.75 9.03 7.92
N ALA A 99 3.71 9.27 6.61
CA ALA A 99 4.51 10.32 6.01
C ALA A 99 4.02 11.69 6.44
N PRO A 100 4.94 12.55 6.91
CA PRO A 100 4.60 13.90 7.36
C PRO A 100 4.17 14.81 6.20
N ALA A 101 3.27 15.74 6.49
CA ALA A 101 2.80 16.70 5.50
C ALA A 101 3.91 17.66 5.11
N PRO A 102 4.05 17.95 3.80
CA PRO A 102 5.09 18.84 3.28
C PRO A 102 4.95 20.28 3.80
N SER A 109 11.60 18.00 2.23
CA SER A 109 12.74 17.10 2.02
C SER A 109 12.49 15.74 2.65
N TRP A 110 11.36 15.12 2.28
CA TRP A 110 10.99 13.82 2.82
C TRP A 110 11.65 12.68 2.05
N VAL A 111 12.13 11.68 2.78
CA VAL A 111 12.73 10.49 2.18
C VAL A 111 11.99 9.25 2.67
N CYS A 112 11.58 8.38 1.72
CA CYS A 112 10.76 7.22 2.07
C CYS A 112 11.56 6.16 2.82
N ARG A 113 10.85 5.16 3.34
CA ARG A 113 11.43 4.14 4.20
C ARG A 113 12.54 3.33 3.55
N GLN A 114 12.32 2.88 2.32
CA GLN A 114 13.31 2.06 1.63
C GLN A 114 14.61 2.82 1.35
N CYS A 115 14.46 4.07 0.93
CA CYS A 115 15.61 4.91 0.64
C CYS A 115 16.40 5.21 1.91
N VAL A 116 15.69 5.44 3.01
CA VAL A 116 16.32 5.64 4.31
C VAL A 116 17.16 4.41 4.66
N PHE A 117 16.59 3.23 4.45
CA PHE A 117 17.30 1.97 4.66
C PHE A 117 18.45 1.79 3.69
N ALA A 118 18.21 2.13 2.41
CA ALA A 118 19.23 1.97 1.38
C ALA A 118 20.48 2.80 1.68
N ILE A 119 20.30 3.91 2.38
CA ILE A 119 21.41 4.79 2.75
C ILE A 119 22.12 4.31 4.01
N ALA A 120 21.32 3.89 5.00
CA ALA A 120 21.84 3.57 6.32
C ALA A 120 22.37 2.14 6.46
N THR A 121 21.73 1.18 5.80
CA THR A 121 22.10 -0.23 5.95
C THR A 121 23.52 -0.52 5.46
N LYS A 122 24.31 -1.14 6.34
CA LYS A 122 25.67 -1.56 6.01
C LYS A 122 25.92 -2.97 6.56
N ARG A 123 26.82 -3.71 5.92
CA ARG A 123 27.23 -5.01 6.44
C ARG A 123 27.97 -4.87 7.76
N GLY A 124 27.63 -5.71 8.73
CA GLY A 124 28.21 -5.65 10.05
C GLY A 124 27.37 -4.78 10.97
N GLY A 125 26.31 -4.22 10.41
CA GLY A 125 25.45 -3.33 11.16
C GLY A 125 25.32 -1.99 10.45
N ALA A 126 24.11 -1.43 10.47
CA ALA A 126 23.86 -0.15 9.80
C ALA A 126 24.54 0.99 10.54
N LEU A 127 24.45 2.19 9.97
CA LEU A 127 24.99 3.39 10.60
C LEU A 127 24.45 3.58 12.02
N LYS A 128 25.33 3.91 12.95
CA LYS A 128 24.95 4.02 14.35
C LYS A 128 24.70 5.46 14.80
N LYS A 129 25.34 6.41 14.12
CA LYS A 129 25.16 7.82 14.45
C LYS A 129 25.16 8.66 13.17
N GLY A 130 24.46 9.79 13.21
CA GLY A 130 24.34 10.65 12.04
C GLY A 130 22.88 10.86 11.70
N PRO A 131 22.61 11.76 10.73
CA PRO A 131 21.22 12.05 10.35
C PRO A 131 20.47 10.83 9.83
N TYR A 132 21.11 10.05 8.97
CA TYR A 132 20.46 8.88 8.39
C TYR A 132 20.32 7.74 9.40
N ALA A 133 21.21 7.71 10.39
CA ALA A 133 21.13 6.72 11.44
C ALA A 133 19.95 6.98 12.36
N ARG A 134 19.73 8.25 12.69
CA ARG A 134 18.60 8.63 13.55
C ARG A 134 17.29 8.44 12.81
N ALA A 135 17.31 8.70 11.51
CA ALA A 135 16.11 8.59 10.69
C ALA A 135 15.68 7.13 10.56
N MET A 136 16.65 6.22 10.47
CA MET A 136 16.32 4.80 10.34
C MET A 136 15.76 4.26 11.64
N LEU A 137 16.26 4.77 12.76
CA LEU A 137 15.74 4.39 14.07
C LEU A 137 14.27 4.76 14.19
N GLY A 138 13.92 5.93 13.66
CA GLY A 138 12.53 6.38 13.65
C GLY A 138 11.65 5.47 12.81
N MET A 139 12.16 5.09 11.64
CA MET A 139 11.45 4.17 10.76
C MET A 139 11.30 2.80 11.42
N LYS A 140 12.32 2.40 12.17
CA LYS A 140 12.37 1.06 12.76
C LYS A 140 11.48 0.91 13.99
N LEU A 141 10.75 1.97 14.33
CA LEU A 141 9.79 1.89 15.43
C LEU A 141 8.50 1.20 14.96
N SER A 142 8.41 0.98 13.66
CA SER A 142 7.23 0.35 13.06
C SER A 142 7.62 -0.71 12.03
N LEU A 143 6.69 -1.61 11.75
CA LEU A 143 6.90 -2.63 10.73
C LEU A 143 5.99 -2.37 9.53
N PRO A 144 6.53 -2.54 8.31
CA PRO A 144 5.79 -2.33 7.06
C PRO A 144 4.92 -3.53 6.67
N TYR A 145 4.68 -4.43 7.62
CA TYR A 145 3.86 -5.60 7.39
C TYR A 145 3.17 -6.01 8.69
N GLY A 146 2.08 -6.76 8.58
CA GLY A 146 1.39 -7.26 9.75
C GLY A 146 2.08 -8.48 10.32
N LEU A 147 2.65 -8.33 11.52
CA LEU A 147 3.42 -9.39 12.15
C LEU A 147 2.56 -10.58 12.55
N LYS A 148 1.37 -10.32 13.06
CA LYS A 148 0.50 -11.40 13.55
C LYS A 148 -0.18 -12.14 12.40
N GLY A 149 -0.04 -11.61 11.19
CA GLY A 149 -0.61 -12.24 10.02
C GLY A 149 0.31 -13.27 9.39
N LEU A 150 1.55 -13.33 9.86
CA LEU A 150 2.53 -14.26 9.32
C LEU A 150 2.27 -15.69 9.76
N ASP A 151 2.57 -16.64 8.88
CA ASP A 151 2.41 -18.05 9.19
C ASP A 151 3.76 -18.75 9.28
N TRP A 152 4.09 -19.24 10.46
CA TRP A 152 5.42 -19.79 10.75
C TRP A 152 5.47 -21.31 10.70
N ASP A 153 6.69 -21.83 10.56
CA ASP A 153 6.92 -23.25 10.71
C ASP A 153 6.98 -23.58 12.21
N ALA A 154 7.15 -24.86 12.52
CA ALA A 154 7.09 -25.34 13.89
C ALA A 154 8.14 -24.68 14.79
N GLY A 155 9.35 -24.49 14.26
CA GLY A 155 10.44 -23.95 15.05
C GLY A 155 10.51 -22.44 15.07
N HIS A 156 9.55 -21.79 14.40
CA HIS A 156 9.53 -20.34 14.27
C HIS A 156 10.83 -19.82 13.67
N LEU A 157 11.27 -20.46 12.59
CA LEU A 157 12.51 -20.10 11.91
C LEU A 157 12.25 -19.39 10.57
N SER A 158 11.12 -19.71 9.95
CA SER A 158 10.77 -19.09 8.67
C SER A 158 9.26 -18.99 8.51
N ASN A 159 8.81 -18.03 7.72
CA ASN A 159 7.38 -17.89 7.42
C ASN A 159 7.13 -17.92 5.92
N ARG A 160 5.91 -18.28 5.52
CA ARG A 160 5.61 -18.48 4.10
C ARG A 160 5.54 -17.16 3.33
N GLN A 161 5.29 -16.07 4.05
CA GLN A 161 5.27 -14.74 3.43
C GLN A 161 6.67 -14.26 3.09
N GLN A 162 7.67 -14.90 3.70
CA GLN A 162 9.06 -14.49 3.61
C GLN A 162 9.22 -13.02 3.99
N SER A 163 8.49 -12.62 5.02
CA SER A 163 8.59 -11.27 5.55
C SER A 163 9.35 -11.31 6.87
N TYR A 164 10.47 -10.59 6.92
CA TYR A 164 11.29 -10.55 8.13
C TYR A 164 11.70 -9.13 8.46
N CYS A 165 12.23 -8.95 9.66
CA CYS A 165 13.00 -7.76 10.01
C CYS A 165 12.20 -6.45 9.96
N TYR A 166 12.91 -5.34 10.10
CA TYR A 166 12.29 -4.02 9.99
C TYR A 166 11.99 -3.68 8.53
N CYS A 167 12.74 -4.30 7.63
CA CYS A 167 12.68 -3.95 6.22
C CYS A 167 11.55 -4.67 5.48
N GLY A 168 11.16 -5.84 5.98
CA GLY A 168 10.13 -6.63 5.34
C GLY A 168 10.67 -7.51 4.23
N GLY A 169 11.99 -7.57 4.13
CA GLY A 169 12.63 -8.36 3.08
C GLY A 169 12.70 -9.83 3.42
N PRO A 170 13.25 -10.64 2.50
CA PRO A 170 13.42 -12.07 2.73
C PRO A 170 14.60 -12.31 3.67
N GLY A 171 14.80 -13.55 4.09
CA GLY A 171 15.90 -13.86 4.98
C GLY A 171 15.97 -15.31 5.38
N GLU A 172 17.18 -15.74 5.76
CA GLU A 172 17.36 -17.04 6.37
C GLU A 172 17.90 -16.81 7.77
N TRP A 173 17.20 -17.36 8.75
CA TRP A 173 17.50 -17.12 10.17
C TRP A 173 18.94 -17.44 10.53
N ASN A 174 19.52 -18.44 9.85
CA ASN A 174 20.85 -18.92 10.17
C ASN A 174 21.96 -18.13 9.47
N LEU A 175 21.57 -17.27 8.52
CA LEU A 175 22.54 -16.49 7.78
C LEU A 175 22.53 -15.02 8.22
N LYS A 176 23.25 -14.75 9.31
CA LYS A 176 23.40 -13.41 9.87
C LYS A 176 22.06 -12.74 10.20
N MET A 177 21.29 -13.39 11.07
CA MET A 177 20.06 -12.78 11.59
C MET A 177 19.94 -13.05 13.10
N LEU A 178 19.27 -12.12 13.79
CA LEU A 178 19.01 -12.26 15.22
C LEU A 178 17.51 -12.33 15.49
N GLN A 179 17.12 -13.21 16.41
CA GLN A 179 15.71 -13.32 16.78
C GLN A 179 15.38 -12.51 18.03
N CYS A 180 14.30 -11.73 17.96
CA CYS A 180 13.84 -10.95 19.11
C CYS A 180 13.18 -11.84 20.15
N ARG A 181 13.61 -11.71 21.41
CA ARG A 181 13.08 -12.54 22.48
C ARG A 181 11.61 -12.27 22.76
N SER A 182 11.13 -11.09 22.37
CA SER A 182 9.75 -10.69 22.66
C SER A 182 8.76 -11.07 21.55
N CYS A 183 9.04 -10.64 20.32
CA CYS A 183 8.13 -10.90 19.20
C CYS A 183 8.54 -12.10 18.34
N LEU A 184 9.70 -12.68 18.66
CA LEU A 184 10.19 -13.89 17.99
C LEU A 184 10.43 -13.71 16.49
N GLN A 185 10.43 -12.48 16.00
CA GLN A 185 10.73 -12.21 14.61
C GLN A 185 12.26 -12.14 14.41
N TRP A 186 12.72 -12.46 13.19
CA TRP A 186 14.15 -12.42 12.88
C TRP A 186 14.53 -11.12 12.17
N PHE A 187 15.74 -10.63 12.46
CA PHE A 187 16.19 -9.35 11.97
C PHE A 187 17.59 -9.42 11.35
N HIS A 188 17.75 -8.77 10.20
CA HIS A 188 19.02 -8.79 9.48
C HIS A 188 20.13 -8.06 10.24
N GLU A 189 21.33 -8.61 10.20
CA GLU A 189 22.50 -7.95 10.79
C GLU A 189 22.65 -6.54 10.24
N ALA A 190 22.51 -6.41 8.92
CA ALA A 190 22.71 -5.12 8.25
C ALA A 190 21.66 -4.08 8.64
N CYS A 191 20.56 -4.52 9.25
CA CYS A 191 19.48 -3.61 9.62
C CYS A 191 19.52 -3.25 11.11
N THR A 192 20.40 -3.91 11.86
CA THR A 192 20.54 -3.62 13.29
C THR A 192 21.54 -2.50 13.53
N GLN A 193 21.49 -1.92 14.72
CA GLN A 193 22.37 -0.81 15.08
C GLN A 193 22.98 -1.01 16.47
N CYS A 194 22.95 -2.25 16.96
CA CYS A 194 23.34 -2.53 18.34
C CYS A 194 24.56 -3.44 18.46
N LEU A 195 25.05 -3.94 17.33
CA LEU A 195 26.13 -4.92 17.35
C LEU A 195 27.52 -4.29 17.29
N SER A 196 28.44 -4.83 18.08
CA SER A 196 29.82 -4.36 18.09
C SER A 196 30.73 -5.27 17.27
N LYS A 197 30.29 -6.50 17.08
CA LYS A 197 31.05 -7.48 16.30
C LYS A 197 30.18 -8.10 15.21
N PRO A 198 30.79 -8.54 14.11
CA PRO A 198 30.02 -9.21 13.05
C PRO A 198 29.40 -10.52 13.53
N LEU A 199 28.20 -10.84 13.05
CA LEU A 199 27.53 -12.07 13.42
C LEU A 199 28.13 -13.26 12.68
N LEU A 200 28.32 -14.36 13.40
CA LEU A 200 28.67 -15.63 12.77
C LEU A 200 27.41 -16.32 12.30
N TYR A 201 27.54 -17.17 11.28
CA TYR A 201 26.40 -17.94 10.80
C TYR A 201 25.93 -18.90 11.88
N GLY A 202 24.61 -18.96 12.08
CA GLY A 202 24.01 -19.89 13.02
C GLY A 202 24.24 -19.56 14.50
N ASP A 203 24.74 -18.35 14.77
CA ASP A 203 25.00 -17.94 16.15
C ASP A 203 23.72 -17.41 16.81
N ARG A 204 23.12 -18.22 17.69
CA ARG A 204 21.92 -17.81 18.41
C ARG A 204 22.24 -17.49 19.86
N PHE A 205 23.52 -17.47 20.19
CA PHE A 205 23.95 -17.21 21.56
C PHE A 205 23.87 -15.73 21.90
N TYR A 206 22.70 -15.15 21.66
CA TYR A 206 22.42 -13.75 21.97
C TYR A 206 21.08 -13.60 22.66
N GLU A 207 20.94 -12.53 23.42
CA GLU A 207 19.63 -12.08 23.87
C GLU A 207 19.37 -10.76 23.18
N PHE A 208 18.40 -10.76 22.28
CA PHE A 208 18.13 -9.59 21.45
C PHE A 208 16.67 -9.15 21.55
N GLU A 209 16.47 -7.83 21.52
CA GLU A 209 15.12 -7.27 21.54
C GLU A 209 15.04 -6.08 20.57
N CYS A 210 14.08 -6.13 19.66
CA CYS A 210 14.02 -5.17 18.54
C CYS A 210 13.51 -3.79 18.96
N CYS A 211 13.59 -2.84 18.02
CA CYS A 211 13.16 -1.47 18.27
C CYS A 211 11.65 -1.34 18.46
N VAL A 212 10.89 -2.16 17.74
CA VAL A 212 9.43 -2.12 17.81
C VAL A 212 8.95 -2.53 19.20
N CYS A 213 9.55 -3.59 19.74
CA CYS A 213 9.15 -4.11 21.04
C CYS A 213 9.59 -3.19 22.19
N ARG A 214 10.61 -2.39 21.95
CA ARG A 214 11.15 -1.51 22.99
C ARG A 214 10.68 -0.07 22.85
N GLY A 215 10.23 0.30 21.67
CA GLY A 215 9.85 1.68 21.40
C GLY A 215 11.05 2.60 21.45
N GLY A 216 12.20 2.06 21.06
CA GLY A 216 13.44 2.81 21.08
C GLY A 216 14.59 1.95 20.57
N PRO A 217 15.82 2.29 20.96
CA PRO A 217 17.00 1.54 20.52
C PRO A 217 16.96 0.07 20.93
N GLU A 218 17.65 -0.78 20.17
CA GLU A 218 17.72 -2.21 20.47
C GLU A 218 18.58 -2.49 21.70
N LYS A 219 18.25 -3.57 22.40
CA LYS A 219 19.10 -4.06 23.48
C LYS A 219 19.60 -5.45 23.10
N VAL A 220 20.92 -5.64 23.17
CA VAL A 220 21.51 -6.93 22.84
C VAL A 220 22.52 -7.36 23.91
N ARG A 221 22.54 -8.66 24.19
CA ARG A 221 23.47 -9.21 25.17
C ARG A 221 24.07 -10.52 24.65
N ARG A 222 25.37 -10.68 24.85
CA ARG A 222 26.06 -11.91 24.48
C ARG A 222 25.89 -12.97 25.55
N LEU A 223 25.42 -14.15 25.17
CA LEU A 223 25.33 -15.26 26.10
C LEU A 223 26.68 -15.95 26.24
N GLN A 224 26.90 -16.59 27.38
CA GLN A 224 28.16 -17.27 27.66
C GLN A 224 28.24 -18.60 26.93
N LEU A 225 29.27 -18.76 26.11
CA LEU A 225 29.47 -20.00 25.37
C LEU A 225 30.34 -20.99 26.14
N ARG A 226 30.12 -22.28 25.88
CA ARG A 226 30.99 -23.33 26.36
C ARG A 226 31.94 -23.74 25.25
N TRP A 227 32.97 -24.51 25.58
CA TRP A 227 33.94 -24.94 24.58
C TRP A 227 33.29 -25.80 23.48
N VAL A 228 32.27 -26.55 23.85
CA VAL A 228 31.55 -27.37 22.87
C VAL A 228 30.75 -26.47 21.94
N ASP A 229 30.28 -25.34 22.47
CA ASP A 229 29.55 -24.36 21.67
C ASP A 229 30.49 -23.66 20.69
N VAL A 230 31.67 -23.28 21.17
CA VAL A 230 32.69 -22.67 20.34
C VAL A 230 33.07 -23.57 19.18
N ALA A 231 33.33 -24.84 19.48
CA ALA A 231 33.67 -25.83 18.47
C ALA A 231 32.56 -25.95 17.44
N HIS A 232 31.32 -26.09 17.92
CA HIS A 232 30.20 -26.30 17.02
C HIS A 232 29.94 -25.07 16.17
N LEU A 233 30.00 -23.89 16.79
CA LEU A 233 29.73 -22.64 16.09
C LEU A 233 30.74 -22.38 14.97
N VAL A 234 32.02 -22.47 15.31
CA VAL A 234 33.08 -22.26 14.35
C VAL A 234 32.98 -23.25 13.21
N LEU A 235 32.75 -24.51 13.54
CA LEU A 235 32.64 -25.57 12.54
C LEU A 235 31.45 -25.35 11.61
N TYR A 236 30.32 -24.93 12.17
CA TYR A 236 29.16 -24.63 11.35
C TYR A 236 29.40 -23.40 10.48
N HIS A 237 29.91 -22.34 11.09
CA HIS A 237 30.19 -21.09 10.38
C HIS A 237 31.17 -21.32 9.23
N LEU A 238 32.22 -22.09 9.48
CA LEU A 238 33.20 -22.37 8.44
C LEU A 238 32.62 -23.29 7.36
N SER A 239 31.76 -24.22 7.76
CA SER A 239 31.09 -25.10 6.81
C SER A 239 30.27 -24.32 5.78
N VAL A 240 29.54 -23.32 6.26
CA VAL A 240 28.72 -22.48 5.40
C VAL A 240 29.60 -21.59 4.52
N CYS A 241 30.58 -20.95 5.13
CA CYS A 241 31.48 -20.05 4.42
C CYS A 241 32.28 -20.75 3.33
N CYS A 242 32.84 -21.92 3.67
CA CYS A 242 33.82 -22.56 2.81
C CYS A 242 33.20 -23.64 1.92
N LYS A 243 31.92 -23.94 2.14
CA LYS A 243 31.19 -24.92 1.35
C LYS A 243 31.89 -26.28 1.33
N LYS A 244 32.28 -26.75 2.51
CA LYS A 244 32.84 -28.09 2.65
C LYS A 244 32.59 -28.62 4.05
N LYS A 245 32.81 -29.91 4.24
CA LYS A 245 32.44 -30.58 5.48
C LYS A 245 33.57 -30.72 6.48
N TYR A 246 34.77 -31.06 6.00
CA TYR A 246 35.89 -31.34 6.90
C TYR A 246 36.91 -30.20 6.98
N PHE A 247 37.40 -29.95 8.19
CA PHE A 247 38.31 -28.84 8.45
C PHE A 247 39.48 -29.29 9.31
N ASP A 248 40.70 -28.90 8.93
CA ASP A 248 41.89 -29.24 9.71
C ASP A 248 41.95 -28.42 10.98
N PHE A 249 42.18 -29.11 12.11
CA PHE A 249 42.21 -28.44 13.40
C PHE A 249 43.33 -27.39 13.46
N ASP A 250 44.54 -27.80 13.10
CA ASP A 250 45.71 -26.93 13.26
C ASP A 250 45.84 -25.84 12.19
N ARG A 251 45.22 -26.04 11.04
CA ARG A 251 45.41 -25.12 9.93
C ARG A 251 44.16 -24.32 9.58
N GLU A 252 43.01 -24.75 10.10
CA GLU A 252 41.76 -24.08 9.77
C GLU A 252 40.94 -23.71 11.01
N ILE A 253 40.66 -24.69 11.87
CA ILE A 253 39.78 -24.46 13.02
C ILE A 253 40.43 -23.58 14.07
N LEU A 254 41.56 -24.04 14.62
CA LEU A 254 42.26 -23.29 15.65
C LEU A 254 42.73 -21.90 15.19
N PRO A 255 43.29 -21.80 13.96
CA PRO A 255 43.68 -20.44 13.54
C PRO A 255 42.51 -19.46 13.44
N PHE A 256 41.35 -19.91 12.96
CA PHE A 256 40.19 -19.03 12.88
C PHE A 256 39.80 -18.56 14.28
N THR A 257 39.80 -19.48 15.24
CA THR A 257 39.39 -19.17 16.61
C THR A 257 40.36 -18.23 17.30
N SER A 258 41.66 -18.45 17.11
CA SER A 258 42.67 -17.65 17.80
C SER A 258 42.83 -16.26 17.19
N GLU A 259 42.86 -16.20 15.86
CA GLU A 259 43.05 -14.92 15.17
C GLU A 259 41.83 -14.02 15.26
N ASN A 260 40.65 -14.62 15.45
CA ASN A 260 39.42 -13.84 15.54
C ASN A 260 38.78 -13.90 16.92
N TRP A 261 39.60 -14.23 17.93
CA TRP A 261 39.12 -14.47 19.29
C TRP A 261 38.21 -13.38 19.86
N ASP A 262 38.62 -12.13 19.76
CA ASP A 262 37.84 -11.01 20.30
C ASP A 262 36.48 -10.88 19.63
N SER A 263 36.46 -11.09 18.31
CA SER A 263 35.22 -10.98 17.55
C SER A 263 34.23 -12.07 17.92
N LEU A 264 34.70 -13.16 18.51
CA LEU A 264 33.83 -14.27 18.86
C LEU A 264 33.06 -14.00 20.15
N LEU A 265 33.54 -13.03 20.93
CA LEU A 265 32.87 -12.63 22.17
C LEU A 265 32.65 -13.82 23.11
N LEU A 266 33.74 -14.41 23.58
CA LEU A 266 33.64 -15.67 24.32
C LEU A 266 33.58 -15.48 25.85
N GLY A 267 33.44 -14.23 26.28
CA GLY A 267 33.25 -13.92 27.69
C GLY A 267 34.26 -14.54 28.65
N GLU A 268 33.78 -15.42 29.51
CA GLU A 268 34.60 -16.02 30.55
C GLU A 268 35.71 -16.92 30.01
N LEU A 269 35.58 -17.38 28.76
CA LEU A 269 36.56 -18.28 28.16
C LEU A 269 37.90 -17.60 27.94
N SER A 270 37.90 -16.27 28.00
CA SER A 270 39.13 -15.49 27.86
C SER A 270 40.02 -15.64 29.09
N ASP A 271 39.46 -16.17 30.18
CA ASP A 271 40.23 -16.42 31.39
C ASP A 271 41.12 -17.65 31.23
N THR A 272 40.75 -18.52 30.30
CA THR A 272 41.56 -19.68 29.97
C THR A 272 42.88 -19.21 29.38
N PRO A 273 44.01 -19.65 29.97
CA PRO A 273 45.34 -19.33 29.44
C PRO A 273 45.47 -19.73 27.99
N LYS A 274 46.02 -18.83 27.18
CA LYS A 274 46.06 -19.00 25.73
C LYS A 274 46.75 -20.29 25.29
N GLY A 275 47.70 -20.76 26.08
CA GLY A 275 48.39 -22.00 25.79
C GLY A 275 47.51 -23.22 25.97
N GLU A 276 46.42 -23.05 26.71
CA GLU A 276 45.50 -24.16 26.97
C GLU A 276 44.37 -24.23 25.96
N ARG A 277 44.06 -23.09 25.34
CA ARG A 277 42.93 -22.97 24.41
C ARG A 277 42.89 -24.07 23.36
N SER A 278 44.06 -24.47 22.85
CA SER A 278 44.13 -25.51 21.84
C SER A 278 43.61 -26.84 22.37
N SER A 279 44.00 -27.19 23.59
CA SER A 279 43.61 -28.48 24.16
C SER A 279 42.14 -28.51 24.54
N ARG A 280 41.62 -27.39 25.01
CA ARG A 280 40.21 -27.30 25.39
C ARG A 280 39.31 -27.49 24.16
N LEU A 281 39.65 -26.80 23.09
CA LEU A 281 38.88 -26.85 21.85
C LEU A 281 38.96 -28.24 21.21
N LEU A 282 40.17 -28.78 21.13
CA LEU A 282 40.39 -30.10 20.54
C LEU A 282 39.68 -31.19 21.35
N SER A 283 39.70 -31.05 22.67
CA SER A 283 39.03 -32.00 23.54
C SER A 283 37.52 -32.00 23.30
N ALA A 284 36.95 -30.81 23.12
CA ALA A 284 35.53 -30.68 22.83
C ALA A 284 35.18 -31.36 21.51
N LEU A 285 36.08 -31.24 20.53
CA LEU A 285 35.86 -31.83 19.22
C LEU A 285 35.91 -33.36 19.28
N ASN A 286 36.72 -33.90 20.18
CA ASN A 286 36.88 -35.35 20.30
C ASN A 286 35.91 -35.99 21.28
N SER A 287 35.35 -35.19 22.18
CA SER A 287 34.45 -35.70 23.20
C SER A 287 33.03 -35.92 22.70
N HIS A 288 32.49 -34.94 21.99
CA HIS A 288 31.10 -35.00 21.55
C HIS A 288 30.98 -35.65 20.18
N LYS A 289 31.04 -36.97 20.15
CA LYS A 289 30.99 -37.74 18.91
C LYS A 289 29.60 -37.72 18.29
N ASP A 290 28.63 -37.16 19.01
CA ASP A 290 27.27 -37.02 18.48
C ASP A 290 27.13 -35.72 17.68
N ARG A 291 28.06 -34.80 17.90
CA ARG A 291 28.09 -33.54 17.16
C ARG A 291 29.14 -33.57 16.05
N PHE A 292 30.31 -34.10 16.37
CA PHE A 292 31.45 -34.01 15.48
C PHE A 292 31.94 -35.36 14.97
N ILE A 293 32.30 -35.42 13.69
CA ILE A 293 32.87 -36.63 13.09
C ILE A 293 34.33 -36.39 12.71
N SER A 294 35.19 -37.34 13.08
CA SER A 294 36.62 -37.22 12.81
C SER A 294 36.96 -37.73 11.42
N GLY A 295 37.99 -37.14 10.82
CA GLY A 295 38.44 -37.54 9.49
C GLY A 295 38.85 -39.00 9.41
N ARG A 296 39.14 -39.59 10.56
CA ARG A 296 39.49 -41.01 10.65
C ARG A 296 38.36 -41.89 10.10
N GLU A 297 37.13 -41.45 10.29
CA GLU A 297 35.96 -42.24 9.86
C GLU A 297 35.87 -42.41 8.35
N ILE A 298 36.63 -41.62 7.60
CA ILE A 298 36.69 -41.77 6.16
C ILE A 298 38.12 -41.93 5.68
N LYS A 299 38.94 -42.55 6.53
CA LYS A 299 40.32 -42.89 6.19
C LYS A 299 41.19 -41.65 5.91
N LYS A 300 40.93 -40.57 6.63
CA LYS A 300 41.74 -39.36 6.54
C LYS A 300 42.31 -39.00 7.90
N ARG A 301 43.13 -37.96 7.94
CA ARG A 301 43.70 -37.39 9.17
C ARG A 301 42.76 -37.41 10.38
N LYS A 302 43.28 -37.87 11.51
CA LYS A 302 42.54 -37.92 12.76
C LYS A 302 42.08 -36.53 13.20
N CYS A 303 42.87 -35.51 12.87
CA CYS A 303 42.63 -34.15 13.32
C CYS A 303 41.77 -33.36 12.34
N LEU A 304 41.18 -34.04 11.35
CA LEU A 304 40.15 -33.45 10.52
C LEU A 304 38.80 -33.62 11.20
N PHE A 305 38.02 -32.54 11.28
CA PHE A 305 36.73 -32.60 11.94
C PHE A 305 35.62 -31.99 11.09
N GLY A 306 34.40 -32.48 11.28
CA GLY A 306 33.24 -31.96 10.59
C GLY A 306 31.97 -32.21 11.39
N LEU A 307 30.87 -31.66 10.92
CA LEU A 307 29.58 -31.88 11.57
C LEU A 307 28.86 -33.04 10.89
N HIS A 308 28.20 -33.87 11.69
CA HIS A 308 27.39 -34.96 11.16
C HIS A 308 26.28 -34.41 10.29
N ALA A 309 25.54 -33.46 10.84
CA ALA A 309 24.54 -32.73 10.08
C ALA A 309 24.90 -31.25 10.10
N ARG A 310 25.06 -30.66 8.93
CA ARG A 310 25.41 -29.25 8.84
C ARG A 310 24.28 -28.38 9.40
N MET A 311 24.13 -28.40 10.71
CA MET A 311 23.07 -27.64 11.38
C MET A 311 23.68 -26.81 12.51
N PRO A 312 23.12 -25.62 12.74
CA PRO A 312 23.63 -24.67 13.74
C PRO A 312 23.71 -25.26 15.14
N PRO A 313 24.56 -24.67 16.00
CA PRO A 313 24.71 -25.10 17.39
C PRO A 313 23.43 -24.88 18.19
N PRO A 314 22.94 -25.93 18.86
CA PRO A 314 21.77 -25.77 19.72
C PRO A 314 22.13 -24.96 20.96
N VAL A 315 21.22 -24.10 21.42
CA VAL A 315 21.46 -23.29 22.61
C VAL A 315 21.32 -24.14 23.87
N GLU A 316 21.35 -23.47 25.02
CA GLU A 316 21.38 -24.14 26.33
C GLU A 316 22.63 -25.00 26.47
N ARG B 6 0.22 -33.32 -43.80
CA ARG B 6 0.03 -34.75 -43.58
C ARG B 6 -1.19 -35.02 -42.71
N LEU B 7 -1.81 -33.95 -42.22
CA LEU B 7 -2.96 -34.06 -41.32
C LEU B 7 -4.23 -33.45 -41.88
N TRP B 8 -5.35 -34.13 -41.67
CA TRP B 8 -6.65 -33.61 -42.11
C TRP B 8 -7.72 -33.87 -41.05
N GLU B 9 -8.83 -33.14 -41.14
CA GLU B 9 -9.91 -33.27 -40.17
C GLU B 9 -10.72 -34.54 -40.42
N GLY B 10 -10.85 -35.36 -39.37
CA GLY B 10 -11.54 -36.63 -39.49
C GLY B 10 -10.54 -37.78 -39.56
N GLN B 11 -9.27 -37.47 -39.37
CA GLN B 11 -8.20 -38.46 -39.42
C GLN B 11 -7.94 -39.08 -38.05
N ASP B 12 -7.91 -40.41 -38.00
CA ASP B 12 -7.56 -41.12 -36.78
C ASP B 12 -6.05 -41.10 -36.56
N VAL B 13 -5.63 -40.62 -35.39
CA VAL B 13 -4.20 -40.52 -35.07
C VAL B 13 -3.92 -41.00 -33.65
N LEU B 14 -2.65 -41.28 -33.39
CA LEU B 14 -2.20 -41.54 -32.02
C LEU B 14 -1.52 -40.29 -31.48
N ALA B 15 -2.04 -39.77 -30.37
CA ALA B 15 -1.51 -38.55 -29.78
C ALA B 15 -0.68 -38.85 -28.55
N ARG B 16 0.44 -38.16 -28.40
CA ARG B 16 1.28 -38.33 -27.23
C ARG B 16 0.85 -37.35 -26.14
N TRP B 17 0.38 -37.88 -25.02
CA TRP B 17 -0.15 -37.08 -23.93
C TRP B 17 0.95 -36.66 -22.95
N THR B 18 0.58 -35.88 -21.94
CA THR B 18 1.54 -35.36 -20.97
C THR B 18 2.13 -36.43 -20.05
N ASP B 19 1.72 -37.68 -20.24
CA ASP B 19 2.27 -38.79 -19.47
C ASP B 19 3.29 -39.56 -20.27
N GLY B 20 3.48 -39.16 -21.53
CA GLY B 20 4.41 -39.83 -22.42
C GLY B 20 3.77 -40.98 -23.17
N LEU B 21 2.53 -41.29 -22.83
CA LEU B 21 1.83 -42.41 -23.44
C LEU B 21 1.04 -41.99 -24.67
N LEU B 22 0.68 -42.96 -25.50
CA LEU B 22 -0.05 -42.69 -26.73
C LEU B 22 -1.54 -43.01 -26.54
N TYR B 23 -2.40 -42.16 -27.12
CA TYR B 23 -3.83 -42.34 -27.00
C TYR B 23 -4.52 -42.18 -28.35
N LEU B 24 -5.47 -43.07 -28.63
CA LEU B 24 -6.20 -43.03 -29.89
C LEU B 24 -7.14 -41.83 -29.95
N GLY B 25 -7.04 -41.05 -31.03
CA GLY B 25 -7.85 -39.87 -31.18
C GLY B 25 -8.16 -39.49 -32.61
N THR B 26 -9.14 -38.62 -32.79
CA THR B 26 -9.53 -38.15 -34.11
C THR B 26 -9.34 -36.64 -34.21
N ILE B 27 -8.72 -36.19 -35.29
CA ILE B 27 -8.48 -34.77 -35.50
C ILE B 27 -9.76 -34.03 -35.87
N LYS B 28 -10.07 -32.97 -35.13
CA LYS B 28 -11.26 -32.17 -35.37
C LYS B 28 -10.93 -30.87 -36.11
N LYS B 29 -9.88 -30.19 -35.68
CA LYS B 29 -9.45 -28.95 -36.32
C LYS B 29 -7.94 -28.94 -36.55
N VAL B 30 -7.51 -28.26 -37.60
CA VAL B 30 -6.08 -28.19 -37.94
C VAL B 30 -5.59 -26.75 -38.05
N ASP B 31 -4.86 -26.29 -37.03
CA ASP B 31 -4.22 -24.99 -37.07
C ASP B 31 -2.83 -25.12 -37.68
N SER B 32 -2.72 -24.83 -38.97
CA SER B 32 -1.46 -25.00 -39.69
C SER B 32 -0.47 -23.87 -39.39
N ALA B 33 -0.96 -22.82 -38.73
CA ALA B 33 -0.12 -21.67 -38.39
C ALA B 33 0.56 -21.87 -37.04
N ARG B 34 -0.20 -22.35 -36.05
CA ARG B 34 0.33 -22.63 -34.73
C ARG B 34 0.82 -24.06 -34.61
N GLU B 35 0.66 -24.84 -35.68
CA GLU B 35 1.03 -26.25 -35.71
C GLU B 35 0.44 -27.02 -34.55
N VAL B 36 -0.86 -26.85 -34.33
CA VAL B 36 -1.59 -27.61 -33.32
C VAL B 36 -2.86 -28.21 -33.92
N CYS B 37 -3.43 -29.20 -33.25
CA CYS B 37 -4.71 -29.78 -33.67
C CYS B 37 -5.60 -30.03 -32.48
N LEU B 38 -6.90 -29.85 -32.66
CA LEU B 38 -7.87 -30.27 -31.66
C LEU B 38 -8.20 -31.74 -31.90
N VAL B 39 -7.87 -32.58 -30.93
CA VAL B 39 -8.06 -34.02 -31.07
C VAL B 39 -9.16 -34.50 -30.14
N GLN B 40 -10.08 -35.29 -30.67
CA GLN B 40 -11.13 -35.89 -29.85
C GLN B 40 -10.79 -37.35 -29.55
N PHE B 41 -10.82 -37.71 -28.29
CA PHE B 41 -10.45 -39.06 -27.88
C PHE B 41 -11.67 -39.95 -27.67
N GLU B 42 -11.45 -41.17 -27.18
CA GLU B 42 -12.55 -42.10 -26.91
C GLU B 42 -13.42 -41.56 -25.79
N ASP B 43 -12.84 -40.66 -25.00
CA ASP B 43 -13.55 -39.92 -23.97
C ASP B 43 -14.68 -39.08 -24.57
N ASP B 44 -14.47 -38.64 -25.81
CA ASP B 44 -15.23 -37.57 -26.48
C ASP B 44 -14.77 -36.21 -25.95
N SER B 45 -13.71 -36.23 -25.15
CA SER B 45 -13.05 -35.01 -24.69
C SER B 45 -12.18 -34.46 -25.81
N GLN B 46 -11.92 -33.16 -25.75
CA GLN B 46 -11.12 -32.51 -26.79
C GLN B 46 -10.01 -31.66 -26.20
N PHE B 47 -8.77 -31.97 -26.61
CA PHE B 47 -7.62 -31.20 -26.17
C PHE B 47 -6.79 -30.77 -27.37
N LEU B 48 -6.03 -29.69 -27.20
CA LEU B 48 -5.10 -29.27 -28.22
C LEU B 48 -3.84 -30.12 -28.15
N VAL B 49 -3.40 -30.61 -29.31
CA VAL B 49 -2.19 -31.42 -29.38
C VAL B 49 -1.24 -30.86 -30.41
N LEU B 50 0.00 -30.60 -30.00
CA LEU B 50 1.04 -30.11 -30.90
C LEU B 50 1.30 -31.13 -32.01
N TRP B 51 1.77 -30.65 -33.15
CA TRP B 51 2.03 -31.54 -34.28
C TRP B 51 3.13 -32.55 -33.99
N LYS B 52 4.12 -32.14 -33.20
CA LYS B 52 5.22 -33.03 -32.84
C LYS B 52 4.75 -34.20 -31.97
N ASP B 53 3.53 -34.09 -31.46
CA ASP B 53 2.99 -35.10 -30.56
C ASP B 53 1.87 -35.91 -31.22
N ILE B 54 1.72 -35.72 -32.53
CA ILE B 54 0.73 -36.47 -33.30
C ILE B 54 1.39 -37.52 -34.18
N SER B 55 0.99 -38.77 -34.01
CA SER B 55 1.54 -39.87 -34.77
C SER B 55 0.50 -40.46 -35.72
N PRO B 56 0.51 -40.04 -36.98
CA PRO B 56 -0.38 -40.57 -38.03
C PRO B 56 0.08 -41.93 -38.54
N ALA B 57 -0.85 -42.70 -39.11
CA ALA B 57 -0.50 -43.95 -39.76
C ALA B 57 0.29 -43.68 -41.03
N ALA B 58 1.20 -44.58 -41.37
CA ALA B 58 1.98 -44.43 -42.59
C ALA B 58 1.06 -44.45 -43.81
N LEU B 59 1.26 -43.51 -44.72
CA LEU B 59 0.44 -43.41 -45.92
C LEU B 59 1.01 -44.29 -47.04
N PRO B 60 0.19 -45.22 -47.55
CA PRO B 60 0.60 -46.05 -48.68
C PRO B 60 1.01 -45.20 -49.89
N GLY B 61 2.17 -45.51 -50.46
CA GLY B 61 2.69 -44.72 -51.56
C GLY B 61 3.88 -43.88 -51.11
N GLU B 62 4.03 -43.72 -49.80
CA GLU B 62 5.12 -42.94 -49.23
C GLU B 62 6.20 -43.84 -48.61
N GLU B 63 6.30 -45.07 -49.08
CA GLU B 63 7.29 -46.03 -48.55
C GLU B 63 8.73 -45.56 -48.73
N LEU B 64 9.00 -44.88 -49.84
CA LEU B 64 10.35 -44.45 -50.16
C LEU B 64 10.56 -42.97 -49.86
N LEU B 65 9.76 -42.42 -48.95
CA LEU B 65 9.89 -41.03 -48.55
C LEU B 65 10.21 -40.93 -47.06
N CYS B 66 11.30 -40.25 -46.74
CA CYS B 66 11.66 -39.99 -45.35
C CYS B 66 10.55 -39.19 -44.67
N CYS B 67 9.97 -39.74 -43.61
CA CYS B 67 8.85 -39.10 -42.94
C CYS B 67 9.23 -37.80 -42.25
N VAL B 68 10.52 -37.64 -41.97
CA VAL B 68 11.00 -36.47 -41.23
C VAL B 68 11.22 -35.26 -42.14
N CYS B 69 12.12 -35.39 -43.11
CA CYS B 69 12.48 -34.27 -43.98
C CYS B 69 11.65 -34.25 -45.26
N ARG B 70 11.10 -35.39 -45.63
CA ARG B 70 10.25 -35.52 -46.81
C ARG B 70 10.93 -35.02 -48.09
N SER B 71 12.23 -35.27 -48.18
CA SER B 71 13.03 -34.80 -49.30
C SER B 71 14.14 -35.79 -49.64
N GLU B 72 14.84 -35.53 -50.73
CA GLU B 72 16.02 -36.31 -51.08
C GLU B 72 17.21 -35.81 -50.27
N THR B 73 18.22 -36.66 -50.09
CA THR B 73 19.41 -36.27 -49.36
C THR B 73 20.63 -36.24 -50.27
N VAL B 74 21.64 -35.46 -49.89
CA VAL B 74 22.88 -35.35 -50.66
C VAL B 74 24.00 -36.11 -49.95
N VAL B 75 23.81 -36.34 -48.66
CA VAL B 75 24.79 -37.04 -47.86
C VAL B 75 24.97 -38.50 -48.34
N PRO B 76 26.20 -38.86 -48.73
CA PRO B 76 26.54 -40.15 -49.34
C PRO B 76 26.07 -41.38 -48.55
N GLY B 77 26.52 -41.52 -47.30
CA GLY B 77 26.18 -42.69 -46.52
C GLY B 77 24.85 -42.59 -45.78
N ASN B 78 24.01 -41.63 -46.17
CA ASN B 78 22.72 -41.42 -45.53
C ASN B 78 21.62 -42.23 -46.21
N ARG B 79 21.54 -43.52 -45.86
CA ARG B 79 20.60 -44.43 -46.50
C ARG B 79 19.18 -44.28 -45.93
N LEU B 80 18.20 -44.69 -46.72
CA LEU B 80 16.81 -44.66 -46.28
C LEU B 80 16.43 -46.00 -45.64
N VAL B 81 16.04 -45.96 -44.37
CA VAL B 81 15.68 -47.18 -43.65
C VAL B 81 14.20 -47.14 -43.25
N SER B 82 13.60 -48.32 -43.08
CA SER B 82 12.16 -48.42 -42.85
C SER B 82 11.80 -49.15 -41.55
N CYS B 83 10.89 -48.57 -40.77
CA CYS B 83 10.48 -49.15 -39.50
C CYS B 83 9.56 -50.35 -39.71
N GLU B 84 9.81 -51.40 -38.94
CA GLU B 84 9.05 -52.65 -39.07
C GLU B 84 7.62 -52.51 -38.58
N LYS B 85 7.41 -51.64 -37.59
CA LYS B 85 6.11 -51.52 -36.96
C LYS B 85 5.20 -50.45 -37.59
N CYS B 86 5.65 -49.19 -37.60
CA CYS B 86 4.81 -48.11 -38.10
C CYS B 86 4.97 -47.90 -39.61
N ARG B 87 5.91 -48.64 -40.21
CA ARG B 87 6.17 -48.59 -41.64
C ARG B 87 6.56 -47.20 -42.16
N HIS B 88 6.98 -46.31 -41.26
CA HIS B 88 7.49 -45.02 -41.67
C HIS B 88 8.96 -45.12 -42.08
N ALA B 89 9.33 -44.45 -43.16
CA ALA B 89 10.70 -44.46 -43.62
C ALA B 89 11.48 -43.30 -43.00
N TYR B 90 12.75 -43.55 -42.69
CA TYR B 90 13.65 -42.55 -42.10
C TYR B 90 14.99 -42.51 -42.81
N HIS B 91 15.48 -41.32 -43.13
CA HIS B 91 16.89 -41.17 -43.45
C HIS B 91 17.67 -41.46 -42.18
N GLN B 92 18.83 -42.08 -42.31
CA GLN B 92 19.62 -42.48 -41.15
C GLN B 92 19.97 -41.29 -40.26
N ASP B 93 20.25 -40.15 -40.87
CA ASP B 93 20.62 -38.95 -40.12
C ASP B 93 19.40 -38.14 -39.68
N CYS B 94 18.23 -38.52 -40.17
CA CYS B 94 16.97 -37.89 -39.76
C CYS B 94 16.37 -38.58 -38.53
N HIS B 95 16.93 -39.72 -38.18
CA HIS B 95 16.50 -40.43 -36.98
C HIS B 95 17.47 -40.14 -35.85
N VAL B 96 16.96 -40.11 -34.62
CA VAL B 96 17.79 -39.79 -33.46
C VAL B 96 17.72 -40.90 -32.42
N PRO B 97 18.85 -41.63 -32.21
CA PRO B 97 20.15 -41.42 -32.85
C PRO B 97 20.19 -41.95 -34.28
N ARG B 98 21.31 -41.76 -34.97
CA ARG B 98 21.45 -42.21 -36.35
C ARG B 98 21.06 -43.68 -36.49
N ALA B 99 20.10 -43.94 -37.38
CA ALA B 99 19.61 -45.29 -37.62
C ALA B 99 20.73 -46.17 -38.18
N PRO B 100 20.75 -47.45 -37.78
CA PRO B 100 21.77 -48.39 -38.27
C PRO B 100 21.57 -48.72 -39.74
N ALA B 101 22.64 -49.16 -40.39
CA ALA B 101 22.56 -49.53 -41.80
C ALA B 101 21.74 -50.81 -41.98
N PRO B 102 20.92 -50.85 -43.04
CA PRO B 102 20.11 -52.04 -43.34
C PRO B 102 20.97 -53.22 -43.77
N SER B 109 15.79 -56.18 -39.52
CA SER B 109 14.60 -55.66 -38.88
C SER B 109 14.94 -54.54 -37.91
N TRP B 110 14.45 -53.33 -38.21
CA TRP B 110 14.73 -52.16 -37.39
C TRP B 110 13.44 -51.47 -36.96
N VAL B 111 13.42 -51.01 -35.71
CA VAL B 111 12.23 -50.38 -35.15
C VAL B 111 12.56 -48.96 -34.67
N CYS B 112 11.77 -47.99 -35.11
CA CYS B 112 12.10 -46.58 -34.87
C CYS B 112 11.87 -46.18 -33.42
N ARG B 113 12.39 -45.00 -33.07
CA ARG B 113 12.37 -44.46 -31.71
C ARG B 113 10.97 -44.37 -31.10
N GLN B 114 10.01 -43.85 -31.88
CA GLN B 114 8.64 -43.69 -31.40
C GLN B 114 7.98 -45.04 -31.11
N CYS B 115 8.25 -46.02 -31.95
CA CYS B 115 7.65 -47.35 -31.79
C CYS B 115 8.26 -48.09 -30.60
N VAL B 116 9.55 -47.85 -30.37
CA VAL B 116 10.22 -48.45 -29.22
C VAL B 116 9.60 -47.94 -27.93
N PHE B 117 9.33 -46.65 -27.88
CA PHE B 117 8.67 -46.05 -26.72
C PHE B 117 7.24 -46.56 -26.57
N ALA B 118 6.53 -46.69 -27.68
CA ALA B 118 5.14 -47.14 -27.66
C ALA B 118 4.99 -48.51 -27.02
N ILE B 119 5.99 -49.36 -27.19
CA ILE B 119 5.97 -50.71 -26.67
C ILE B 119 6.51 -50.79 -25.24
N ALA B 120 7.54 -49.99 -24.96
CA ALA B 120 8.22 -50.06 -23.67
C ALA B 120 7.56 -49.22 -22.57
N THR B 121 7.08 -48.02 -22.92
CA THR B 121 6.49 -47.12 -21.92
C THR B 121 5.26 -47.73 -21.27
N LYS B 122 5.12 -47.50 -19.97
CA LYS B 122 4.01 -48.04 -19.21
C LYS B 122 3.80 -47.26 -17.91
N ARG B 123 2.55 -47.14 -17.49
CA ARG B 123 2.22 -46.45 -16.24
C ARG B 123 2.93 -47.08 -15.05
N GLY B 124 3.63 -46.25 -14.29
CA GLY B 124 4.37 -46.71 -13.13
C GLY B 124 5.81 -47.03 -13.45
N GLY B 125 6.15 -46.97 -14.73
CA GLY B 125 7.51 -47.26 -15.17
C GLY B 125 7.56 -48.14 -16.40
N ALA B 126 8.51 -47.85 -17.28
CA ALA B 126 8.70 -48.62 -18.50
C ALA B 126 9.27 -50.00 -18.21
N LEU B 127 9.32 -50.85 -19.23
CA LEU B 127 9.89 -52.18 -19.08
C LEU B 127 11.34 -52.13 -18.65
N LYS B 128 11.68 -52.90 -17.62
CA LYS B 128 13.05 -52.92 -17.11
C LYS B 128 13.89 -53.99 -17.79
N LYS B 129 13.23 -55.07 -18.18
CA LYS B 129 13.93 -56.21 -18.79
C LYS B 129 13.31 -56.60 -20.12
N GLY B 130 14.11 -57.25 -20.96
CA GLY B 130 13.66 -57.67 -22.28
C GLY B 130 14.42 -56.95 -23.38
N PRO B 131 14.17 -57.35 -24.64
CA PRO B 131 14.83 -56.73 -25.78
C PRO B 131 14.37 -55.29 -26.02
N TYR B 132 13.12 -55.00 -25.70
CA TYR B 132 12.59 -53.66 -25.86
C TYR B 132 13.10 -52.72 -24.78
N ALA B 133 13.28 -53.26 -23.58
CA ALA B 133 13.88 -52.49 -22.48
C ALA B 133 15.31 -52.11 -22.85
N ARG B 134 16.03 -53.05 -23.44
CA ARG B 134 17.38 -52.80 -23.92
C ARG B 134 17.37 -51.78 -25.06
N ALA B 135 16.38 -51.91 -25.94
CA ALA B 135 16.24 -51.00 -27.07
C ALA B 135 15.88 -49.59 -26.60
N MET B 136 15.00 -49.50 -25.61
CA MET B 136 14.60 -48.20 -25.08
C MET B 136 15.81 -47.49 -24.46
N LEU B 137 16.61 -48.25 -23.71
CA LEU B 137 17.81 -47.71 -23.10
C LEU B 137 18.76 -47.12 -24.14
N GLY B 138 18.93 -47.84 -25.25
CA GLY B 138 19.76 -47.37 -26.34
C GLY B 138 19.26 -46.06 -26.93
N MET B 139 17.94 -45.93 -27.05
CA MET B 139 17.34 -44.71 -27.55
C MET B 139 17.46 -43.56 -26.54
N LYS B 140 17.40 -43.89 -25.26
CA LYS B 140 17.39 -42.88 -24.21
C LYS B 140 18.76 -42.26 -23.94
N LEU B 141 19.76 -42.65 -24.73
CA LEU B 141 21.09 -42.07 -24.61
C LEU B 141 21.17 -40.74 -25.36
N SER B 142 20.17 -40.45 -26.18
CA SER B 142 20.16 -39.24 -26.99
C SER B 142 18.81 -38.52 -26.93
N LEU B 143 18.84 -37.19 -27.03
CA LEU B 143 17.63 -36.39 -27.06
C LEU B 143 17.25 -36.01 -28.48
N PRO B 144 15.95 -36.13 -28.82
CA PRO B 144 15.44 -35.80 -30.16
C PRO B 144 15.13 -34.32 -30.32
N TYR B 145 15.59 -33.50 -29.38
CA TYR B 145 15.37 -32.06 -29.43
C TYR B 145 16.57 -31.31 -28.87
N GLY B 146 16.68 -30.03 -29.20
CA GLY B 146 17.73 -29.19 -28.67
C GLY B 146 17.40 -28.77 -27.25
N LEU B 147 18.04 -29.41 -26.28
CA LEU B 147 17.79 -29.16 -24.86
C LEU B 147 18.22 -27.75 -24.46
N LYS B 148 19.25 -27.25 -25.13
CA LYS B 148 19.87 -25.99 -24.78
C LYS B 148 19.11 -24.79 -25.33
N GLY B 149 18.23 -25.04 -26.30
CA GLY B 149 17.48 -23.98 -26.93
C GLY B 149 16.09 -23.78 -26.34
N LEU B 150 15.80 -24.50 -25.26
CA LEU B 150 14.50 -24.42 -24.62
C LEU B 150 14.33 -23.14 -23.83
N ASP B 151 13.14 -22.55 -23.91
CA ASP B 151 12.85 -21.32 -23.20
C ASP B 151 12.04 -21.60 -21.93
N TRP B 152 12.74 -21.79 -20.81
CA TRP B 152 12.10 -22.15 -19.55
C TRP B 152 11.49 -20.94 -18.85
N ASP B 153 10.52 -21.19 -17.97
CA ASP B 153 9.94 -20.13 -17.15
C ASP B 153 10.88 -19.84 -15.97
N ALA B 154 10.43 -18.98 -15.06
CA ALA B 154 11.27 -18.52 -13.95
C ALA B 154 11.83 -19.66 -13.10
N GLY B 155 10.99 -20.63 -12.75
CA GLY B 155 11.42 -21.71 -11.87
C GLY B 155 11.97 -22.94 -12.56
N HIS B 156 12.17 -22.86 -13.87
CA HIS B 156 12.65 -23.99 -14.66
C HIS B 156 11.71 -25.18 -14.47
N LEU B 157 10.40 -24.91 -14.58
CA LEU B 157 9.38 -25.93 -14.36
C LEU B 157 8.68 -26.28 -15.67
N SER B 158 8.57 -25.30 -16.55
CA SER B 158 7.97 -25.51 -17.86
C SER B 158 8.66 -24.67 -18.92
N ASN B 159 8.67 -25.16 -20.16
CA ASN B 159 9.29 -24.42 -21.25
C ASN B 159 8.29 -24.16 -22.36
N ARG B 160 8.57 -23.13 -23.17
CA ARG B 160 7.62 -22.67 -24.18
C ARG B 160 7.38 -23.73 -25.26
N GLN B 161 8.43 -24.46 -25.62
CA GLN B 161 8.34 -25.46 -26.68
C GLN B 161 7.53 -26.70 -26.28
N GLN B 162 7.29 -26.83 -24.97
CA GLN B 162 6.64 -28.03 -24.41
C GLN B 162 7.39 -29.31 -24.77
N SER B 163 8.72 -29.23 -24.74
CA SER B 163 9.56 -30.40 -25.00
C SER B 163 10.14 -30.94 -23.69
N TYR B 164 9.83 -32.19 -23.37
CA TYR B 164 10.31 -32.78 -22.12
C TYR B 164 10.85 -34.19 -22.35
N CYS B 165 11.56 -34.72 -21.35
CA CYS B 165 11.86 -36.14 -21.28
C CYS B 165 12.73 -36.66 -22.42
N TYR B 166 12.81 -37.98 -22.52
CA TYR B 166 13.50 -38.63 -23.63
C TYR B 166 12.61 -38.61 -24.87
N CYS B 167 11.30 -38.59 -24.63
CA CYS B 167 10.30 -38.71 -25.68
C CYS B 167 10.23 -37.45 -26.53
N GLY B 168 10.38 -36.29 -25.90
CA GLY B 168 10.24 -35.02 -26.58
C GLY B 168 8.79 -34.56 -26.60
N GLY B 169 7.96 -35.22 -25.79
CA GLY B 169 6.56 -34.89 -25.71
C GLY B 169 6.24 -33.85 -24.66
N PRO B 170 4.96 -33.52 -24.49
CA PRO B 170 4.54 -32.48 -23.54
C PRO B 170 4.64 -32.99 -22.11
N GLY B 171 4.38 -32.15 -21.13
CA GLY B 171 4.46 -32.58 -19.75
C GLY B 171 4.17 -31.53 -18.71
N GLU B 172 3.69 -31.99 -17.56
CA GLU B 172 3.56 -31.16 -16.38
C GLU B 172 4.43 -31.76 -15.29
N TRP B 173 5.35 -30.95 -14.77
CA TRP B 173 6.39 -31.43 -13.85
C TRP B 173 5.81 -32.09 -12.59
N ASN B 174 4.69 -31.57 -12.12
CA ASN B 174 4.09 -32.04 -10.87
C ASN B 174 3.27 -33.30 -11.06
N LEU B 175 2.98 -33.65 -12.31
CA LEU B 175 2.18 -34.83 -12.60
C LEU B 175 3.05 -36.01 -13.05
N LYS B 176 3.66 -36.68 -12.07
CA LYS B 176 4.43 -37.89 -12.29
C LYS B 176 5.63 -37.67 -13.23
N MET B 177 6.50 -36.75 -12.86
CA MET B 177 7.73 -36.50 -13.59
C MET B 177 8.89 -36.33 -12.63
N LEU B 178 10.10 -36.73 -13.05
CA LEU B 178 11.30 -36.54 -12.25
C LEU B 178 12.27 -35.57 -12.92
N GLN B 179 12.92 -34.73 -12.12
CA GLN B 179 13.87 -33.77 -12.64
C GLN B 179 15.30 -34.29 -12.49
N CYS B 180 16.06 -34.25 -13.59
CA CYS B 180 17.45 -34.68 -13.55
C CYS B 180 18.32 -33.64 -12.85
N ARG B 181 19.17 -34.10 -11.95
CA ARG B 181 20.01 -33.19 -11.15
C ARG B 181 21.08 -32.51 -11.99
N SER B 182 21.38 -33.07 -13.16
CA SER B 182 22.47 -32.58 -13.99
C SER B 182 22.01 -31.58 -15.07
N CYS B 183 20.98 -31.95 -15.83
CA CYS B 183 20.54 -31.11 -16.93
C CYS B 183 19.24 -30.38 -16.62
N LEU B 184 18.69 -30.62 -15.44
CA LEU B 184 17.51 -29.92 -14.94
C LEU B 184 16.26 -30.11 -15.80
N GLN B 185 16.29 -31.12 -16.68
CA GLN B 185 15.13 -31.44 -17.50
C GLN B 185 14.22 -32.41 -16.74
N TRP B 186 12.93 -32.36 -17.04
CA TRP B 186 11.94 -33.25 -16.42
C TRP B 186 11.69 -34.46 -17.30
N PHE B 187 11.49 -35.62 -16.67
CA PHE B 187 11.31 -36.87 -17.39
C PHE B 187 10.07 -37.63 -16.91
N HIS B 188 9.34 -38.20 -17.85
CA HIS B 188 8.09 -38.90 -17.53
C HIS B 188 8.33 -40.16 -16.71
N GLU B 189 7.42 -40.42 -15.78
CA GLU B 189 7.43 -41.64 -15.00
C GLU B 189 7.39 -42.87 -15.90
N ALA B 190 6.54 -42.82 -16.92
CA ALA B 190 6.34 -43.96 -17.81
C ALA B 190 7.53 -44.20 -18.73
N CYS B 191 8.42 -43.21 -18.82
CA CYS B 191 9.59 -43.31 -19.69
C CYS B 191 10.85 -43.69 -18.90
N THR B 192 10.76 -43.69 -17.57
CA THR B 192 11.88 -44.11 -16.74
C THR B 192 11.89 -45.62 -16.58
N GLN B 193 13.04 -46.16 -16.16
CA GLN B 193 13.19 -47.59 -15.95
C GLN B 193 13.90 -47.88 -14.63
N CYS B 194 13.81 -46.93 -13.69
CA CYS B 194 14.59 -47.00 -12.46
C CYS B 194 13.73 -46.98 -11.20
N LEU B 195 12.45 -46.68 -11.34
CA LEU B 195 11.56 -46.54 -10.20
C LEU B 195 11.11 -47.89 -9.63
N SER B 196 10.91 -47.94 -8.32
CA SER B 196 10.42 -49.14 -7.67
C SER B 196 8.93 -48.99 -7.31
N LYS B 197 8.48 -47.74 -7.22
CA LYS B 197 7.09 -47.43 -6.91
C LYS B 197 6.57 -46.35 -7.86
N PRO B 198 5.26 -46.35 -8.14
CA PRO B 198 4.65 -45.26 -8.89
C PRO B 198 4.87 -43.92 -8.19
N LEU B 199 5.10 -42.85 -8.94
CA LEU B 199 5.32 -41.54 -8.38
C LEU B 199 4.03 -40.91 -7.86
N LEU B 200 4.13 -40.20 -6.75
CA LEU B 200 3.05 -39.35 -6.29
C LEU B 200 3.21 -37.96 -6.92
N TYR B 201 2.13 -37.21 -6.96
CA TYR B 201 2.15 -35.88 -7.55
C TYR B 201 3.04 -34.92 -6.77
N GLY B 202 3.88 -34.19 -7.48
CA GLY B 202 4.74 -33.18 -6.89
C GLY B 202 5.85 -33.75 -6.02
N ASP B 203 6.05 -35.06 -6.08
CA ASP B 203 7.09 -35.72 -5.28
C ASP B 203 8.48 -35.46 -5.89
N ARG B 204 9.16 -34.44 -5.38
CA ARG B 204 10.50 -34.12 -5.86
C ARG B 204 11.56 -34.65 -4.90
N PHE B 205 11.14 -35.49 -3.96
CA PHE B 205 12.05 -36.04 -2.96
C PHE B 205 12.89 -37.20 -3.52
N TYR B 206 13.50 -36.95 -4.66
CA TYR B 206 14.43 -37.91 -5.27
C TYR B 206 15.69 -37.18 -5.73
N GLU B 207 16.78 -37.92 -5.82
CA GLU B 207 17.92 -37.46 -6.60
C GLU B 207 17.98 -38.32 -7.85
N PHE B 208 17.82 -37.67 -9.00
CA PHE B 208 17.68 -38.40 -10.25
C PHE B 208 18.69 -37.91 -11.28
N GLU B 209 19.22 -38.85 -12.06
CA GLU B 209 20.10 -38.52 -13.16
C GLU B 209 19.73 -39.36 -14.37
N CYS B 210 19.47 -38.68 -15.49
CA CYS B 210 18.96 -39.33 -16.69
C CYS B 210 20.04 -40.10 -17.46
N CYS B 211 19.61 -40.89 -18.44
CA CYS B 211 20.51 -41.69 -19.25
C CYS B 211 21.47 -40.84 -20.06
N VAL B 212 20.99 -39.69 -20.54
CA VAL B 212 21.79 -38.80 -21.38
C VAL B 212 23.03 -38.30 -20.63
N CYS B 213 22.85 -37.90 -19.38
CA CYS B 213 23.94 -37.38 -18.57
C CYS B 213 24.85 -38.48 -18.05
N ARG B 214 24.29 -39.67 -17.84
CA ARG B 214 25.07 -40.81 -17.34
C ARG B 214 25.73 -41.59 -18.46
N GLY B 215 25.16 -41.53 -19.66
CA GLY B 215 25.65 -42.31 -20.77
C GLY B 215 25.39 -43.79 -20.55
N GLY B 216 24.40 -44.07 -19.72
CA GLY B 216 24.03 -45.44 -19.40
C GLY B 216 22.71 -45.45 -18.65
N PRO B 217 22.47 -46.49 -17.85
CA PRO B 217 21.26 -46.58 -17.02
C PRO B 217 21.07 -45.38 -16.09
N GLU B 218 19.82 -45.11 -15.73
CA GLU B 218 19.49 -44.01 -14.82
C GLU B 218 19.98 -44.29 -13.40
N LYS B 219 20.35 -43.22 -12.69
CA LYS B 219 20.66 -43.34 -11.27
C LYS B 219 19.63 -42.56 -10.45
N VAL B 220 18.90 -43.26 -9.59
CA VAL B 220 17.89 -42.62 -8.76
C VAL B 220 18.06 -43.01 -7.31
N ARG B 221 17.79 -42.06 -6.42
CA ARG B 221 17.84 -42.31 -4.98
C ARG B 221 16.70 -41.57 -4.28
N ARG B 222 15.94 -42.31 -3.46
CA ARG B 222 14.84 -41.74 -2.70
C ARG B 222 15.36 -41.02 -1.46
N LEU B 223 15.10 -39.71 -1.39
CA LEU B 223 15.52 -38.92 -0.24
C LEU B 223 14.71 -39.26 0.99
N GLN B 224 15.29 -39.02 2.17
CA GLN B 224 14.63 -39.29 3.43
C GLN B 224 13.63 -38.20 3.78
N LEU B 225 12.37 -38.60 3.96
CA LEU B 225 11.31 -37.65 4.29
C LEU B 225 11.16 -37.43 5.79
N ARG B 226 10.86 -36.20 6.17
CA ARG B 226 10.46 -35.89 7.54
C ARG B 226 8.95 -36.04 7.64
N TRP B 227 8.42 -36.05 8.86
CA TRP B 227 6.98 -36.18 9.04
C TRP B 227 6.23 -35.01 8.41
N VAL B 228 6.87 -33.85 8.36
CA VAL B 228 6.28 -32.67 7.76
C VAL B 228 6.24 -32.79 6.23
N ASP B 229 7.26 -33.43 5.66
CA ASP B 229 7.29 -33.70 4.22
C ASP B 229 6.17 -34.65 3.83
N VAL B 230 5.95 -35.67 4.66
CA VAL B 230 4.88 -36.64 4.42
C VAL B 230 3.52 -35.96 4.43
N ALA B 231 3.29 -35.10 5.41
CA ALA B 231 2.03 -34.39 5.51
C ALA B 231 1.80 -33.51 4.28
N HIS B 232 2.86 -32.82 3.85
CA HIS B 232 2.75 -31.92 2.72
C HIS B 232 2.54 -32.69 1.42
N LEU B 233 3.28 -33.79 1.26
CA LEU B 233 3.19 -34.61 0.05
C LEU B 233 1.81 -35.24 -0.10
N VAL B 234 1.33 -35.86 0.97
CA VAL B 234 0.02 -36.50 0.97
C VAL B 234 -1.10 -35.50 0.69
N LEU B 235 -1.06 -34.37 1.39
CA LEU B 235 -2.09 -33.35 1.25
C LEU B 235 -2.07 -32.77 -0.17
N TYR B 236 -0.89 -32.66 -0.76
CA TYR B 236 -0.77 -32.13 -2.12
C TYR B 236 -1.30 -33.11 -3.15
N HIS B 237 -0.94 -34.39 -3.00
CA HIS B 237 -1.40 -35.42 -3.91
C HIS B 237 -2.92 -35.49 -3.90
N LEU B 238 -3.49 -35.47 -2.70
CA LEU B 238 -4.95 -35.46 -2.54
C LEU B 238 -5.57 -34.22 -3.17
N SER B 239 -4.89 -33.09 -3.05
CA SER B 239 -5.39 -31.83 -3.60
C SER B 239 -5.47 -31.90 -5.12
N VAL B 240 -4.50 -32.57 -5.74
CA VAL B 240 -4.49 -32.73 -7.20
C VAL B 240 -5.59 -33.69 -7.66
N CYS B 241 -5.75 -34.80 -6.94
CA CYS B 241 -6.74 -35.81 -7.30
C CYS B 241 -8.18 -35.33 -7.11
N CYS B 242 -8.50 -34.86 -5.91
CA CYS B 242 -9.88 -34.57 -5.56
C CYS B 242 -10.30 -33.15 -5.93
N LYS B 243 -9.32 -32.32 -6.28
CA LYS B 243 -9.57 -30.94 -6.69
C LYS B 243 -10.39 -30.16 -5.66
N LYS B 244 -9.89 -30.14 -4.42
CA LYS B 244 -10.49 -29.35 -3.37
C LYS B 244 -9.41 -28.98 -2.36
N LYS B 245 -9.70 -28.02 -1.49
CA LYS B 245 -8.69 -27.51 -0.58
C LYS B 245 -8.61 -28.30 0.72
N TYR B 246 -9.75 -28.46 1.41
CA TYR B 246 -9.74 -29.02 2.76
C TYR B 246 -10.05 -30.52 2.80
N PHE B 247 -9.23 -31.25 3.56
CA PHE B 247 -9.35 -32.69 3.67
C PHE B 247 -9.45 -33.13 5.13
N ASP B 248 -10.33 -34.08 5.40
CA ASP B 248 -10.51 -34.58 6.76
C ASP B 248 -9.35 -35.49 7.17
N PHE B 249 -8.82 -35.26 8.36
CA PHE B 249 -7.69 -36.03 8.85
C PHE B 249 -8.06 -37.50 9.09
N ASP B 250 -9.18 -37.72 9.76
CA ASP B 250 -9.59 -39.07 10.11
C ASP B 250 -10.11 -39.84 8.91
N ARG B 251 -10.81 -39.15 8.01
CA ARG B 251 -11.48 -39.82 6.90
C ARG B 251 -10.63 -39.88 5.62
N GLU B 252 -9.82 -38.85 5.38
CA GLU B 252 -9.10 -38.77 4.10
C GLU B 252 -7.57 -38.77 4.23
N ILE B 253 -7.02 -37.91 5.08
CA ILE B 253 -5.57 -37.76 5.14
C ILE B 253 -4.87 -39.00 5.69
N LEU B 254 -5.22 -39.40 6.91
CA LEU B 254 -4.59 -40.55 7.54
C LEU B 254 -4.83 -41.88 6.81
N PRO B 255 -6.09 -42.16 6.38
CA PRO B 255 -6.27 -43.41 5.63
C PRO B 255 -5.40 -43.53 4.38
N PHE B 256 -5.21 -42.42 3.67
CA PHE B 256 -4.35 -42.44 2.48
C PHE B 256 -2.94 -42.86 2.86
N THR B 257 -2.43 -42.28 3.94
CA THR B 257 -1.10 -42.56 4.42
C THR B 257 -0.96 -44.02 4.85
N SER B 258 -2.01 -44.55 5.46
CA SER B 258 -2.01 -45.92 5.95
C SER B 258 -2.08 -46.92 4.79
N GLU B 259 -3.01 -46.70 3.87
CA GLU B 259 -3.25 -47.63 2.77
C GLU B 259 -2.14 -47.60 1.72
N ASN B 260 -1.31 -46.57 1.74
CA ASN B 260 -0.26 -46.42 0.73
C ASN B 260 1.13 -46.30 1.32
N TRP B 261 1.28 -46.74 2.58
CA TRP B 261 2.52 -46.58 3.33
C TRP B 261 3.77 -47.05 2.59
N ASP B 262 3.69 -48.25 2.00
CA ASP B 262 4.84 -48.81 1.31
C ASP B 262 5.16 -48.04 0.03
N SER B 263 4.11 -47.55 -0.63
CA SER B 263 4.27 -46.79 -1.87
C SER B 263 4.98 -45.46 -1.64
N LEU B 264 4.92 -44.96 -0.41
CA LEU B 264 5.47 -43.65 -0.09
C LEU B 264 6.99 -43.67 0.07
N LEU B 265 7.55 -44.85 0.29
CA LEU B 265 8.98 -45.02 0.48
C LEU B 265 9.51 -44.07 1.54
N LEU B 266 9.10 -44.31 2.78
CA LEU B 266 9.36 -43.37 3.87
C LEU B 266 10.65 -43.69 4.63
N GLY B 267 11.40 -44.68 4.13
CA GLY B 267 12.71 -45.00 4.67
C GLY B 267 12.75 -45.32 6.15
N GLU B 268 13.53 -44.54 6.89
CA GLU B 268 13.73 -44.76 8.32
C GLU B 268 12.47 -44.48 9.14
N LEU B 269 11.48 -43.86 8.51
CA LEU B 269 10.22 -43.56 9.19
C LEU B 269 9.29 -44.77 9.22
N SER B 270 9.67 -45.84 8.52
CA SER B 270 8.90 -47.07 8.52
C SER B 270 8.99 -47.78 9.87
N ASP B 271 10.09 -47.54 10.58
CA ASP B 271 10.33 -48.15 11.89
C ASP B 271 9.27 -47.75 12.90
N THR B 272 8.72 -46.54 12.74
CA THR B 272 7.71 -46.03 13.64
C THR B 272 6.47 -46.93 13.69
N PRO B 273 6.05 -47.30 14.90
CA PRO B 273 4.85 -48.14 15.11
C PRO B 273 3.60 -47.46 14.56
N LYS B 274 2.72 -48.25 13.95
CA LYS B 274 1.52 -47.70 13.31
C LYS B 274 0.66 -46.87 14.26
N GLY B 275 0.63 -47.26 15.53
CA GLY B 275 -0.15 -46.54 16.52
C GLY B 275 0.33 -45.11 16.72
N GLU B 276 1.63 -44.88 16.53
CA GLU B 276 2.22 -43.57 16.74
C GLU B 276 2.24 -42.72 15.48
N ARG B 277 1.85 -43.31 14.35
CA ARG B 277 1.84 -42.60 13.08
C ARG B 277 0.85 -41.45 13.06
N SER B 278 -0.31 -41.67 13.67
CA SER B 278 -1.39 -40.68 13.66
C SER B 278 -1.00 -39.40 14.41
N SER B 279 -0.42 -39.56 15.59
CA SER B 279 -0.06 -38.40 16.40
C SER B 279 1.07 -37.61 15.76
N ARG B 280 2.03 -38.32 15.18
CA ARG B 280 3.19 -37.69 14.56
C ARG B 280 2.78 -36.88 13.32
N LEU B 281 1.81 -37.40 12.58
CA LEU B 281 1.33 -36.75 11.37
C LEU B 281 0.45 -35.54 11.69
N LEU B 282 -0.43 -35.72 12.69
CA LEU B 282 -1.33 -34.65 13.10
C LEU B 282 -0.55 -33.50 13.73
N SER B 283 0.56 -33.83 14.39
CA SER B 283 1.40 -32.82 15.00
C SER B 283 2.00 -31.91 13.92
N ALA B 284 2.43 -32.50 12.81
CA ALA B 284 3.01 -31.75 11.72
C ALA B 284 1.98 -30.83 11.08
N LEU B 285 0.75 -31.33 10.92
CA LEU B 285 -0.33 -30.54 10.32
C LEU B 285 -0.70 -29.34 11.18
N ASN B 286 -0.61 -29.50 12.50
CA ASN B 286 -0.97 -28.43 13.43
C ASN B 286 0.17 -27.43 13.65
N SER B 287 1.41 -27.92 13.61
CA SER B 287 2.57 -27.12 14.01
C SER B 287 3.13 -26.22 12.92
N HIS B 288 3.03 -26.66 11.67
CA HIS B 288 3.58 -25.89 10.55
C HIS B 288 2.51 -25.03 9.87
N LYS B 289 2.28 -23.84 10.42
CA LYS B 289 1.28 -22.93 9.87
C LYS B 289 1.68 -22.41 8.49
N ASP B 290 2.96 -22.49 8.17
CA ASP B 290 3.46 -21.99 6.90
C ASP B 290 3.07 -22.91 5.74
N ARG B 291 2.72 -24.14 6.07
CA ARG B 291 2.36 -25.13 5.04
C ARG B 291 0.88 -25.49 5.09
N PHE B 292 0.35 -25.59 6.31
CA PHE B 292 -0.99 -26.14 6.52
C PHE B 292 -1.92 -25.17 7.19
N ILE B 293 -3.15 -25.10 6.69
CA ILE B 293 -4.16 -24.25 7.31
C ILE B 293 -5.33 -25.11 7.78
N SER B 294 -5.74 -24.89 9.03
CA SER B 294 -6.83 -25.66 9.62
C SER B 294 -8.18 -25.05 9.26
N GLY B 295 -9.21 -25.90 9.20
CA GLY B 295 -10.55 -25.47 8.85
C GLY B 295 -11.10 -24.40 9.77
N ARG B 296 -10.57 -24.33 10.99
CA ARG B 296 -11.02 -23.33 11.96
C ARG B 296 -10.78 -21.92 11.47
N GLU B 297 -9.82 -21.75 10.57
CA GLU B 297 -9.47 -20.42 10.06
C GLU B 297 -10.56 -19.85 9.17
N ILE B 298 -11.43 -20.73 8.66
CA ILE B 298 -12.60 -20.27 7.89
C ILE B 298 -13.88 -20.86 8.48
N LYS B 299 -13.86 -21.05 9.79
CA LYS B 299 -15.02 -21.52 10.56
C LYS B 299 -15.51 -22.88 10.08
N LYS B 300 -14.57 -23.73 9.66
CA LYS B 300 -14.86 -25.12 9.38
C LYS B 300 -14.31 -25.94 10.54
N ARG B 301 -14.50 -27.26 10.48
CA ARG B 301 -14.05 -28.13 11.57
C ARG B 301 -12.52 -28.11 11.73
N LYS B 302 -12.06 -28.23 12.97
CA LYS B 302 -10.65 -28.20 13.31
C LYS B 302 -9.83 -29.23 12.53
N CYS B 303 -10.40 -30.42 12.38
CA CYS B 303 -9.68 -31.57 11.83
C CYS B 303 -9.66 -31.57 10.29
N LEU B 304 -10.08 -30.46 9.70
CA LEU B 304 -9.91 -30.24 8.27
C LEU B 304 -8.60 -29.49 8.02
N PHE B 305 -7.78 -29.99 7.11
CA PHE B 305 -6.53 -29.32 6.78
C PHE B 305 -6.40 -29.13 5.27
N GLY B 306 -5.83 -28.00 4.88
CA GLY B 306 -5.57 -27.72 3.48
C GLY B 306 -4.23 -27.04 3.29
N LEU B 307 -3.79 -26.95 2.04
CA LEU B 307 -2.55 -26.24 1.72
C LEU B 307 -2.83 -24.78 1.36
N HIS B 308 -1.82 -23.94 1.46
CA HIS B 308 -1.94 -22.56 1.00
C HIS B 308 -1.74 -22.51 -0.51
N ALA B 309 -2.82 -22.22 -1.24
CA ALA B 309 -2.81 -22.13 -2.70
C ALA B 309 -2.22 -23.37 -3.37
N ARG B 310 -2.50 -24.52 -2.79
CA ARG B 310 -2.03 -25.80 -3.32
C ARG B 310 -0.52 -25.79 -3.57
N MET B 311 0.23 -25.36 -2.57
CA MET B 311 1.68 -25.34 -2.66
C MET B 311 2.27 -26.75 -2.70
N PRO B 312 3.02 -27.06 -3.77
CA PRO B 312 3.75 -28.33 -3.87
C PRO B 312 4.78 -28.48 -2.76
N PRO B 313 5.07 -29.71 -2.33
CA PRO B 313 6.02 -29.94 -1.23
C PRO B 313 7.43 -29.47 -1.60
N PRO B 314 7.94 -28.46 -0.90
CA PRO B 314 9.30 -27.98 -1.17
C PRO B 314 10.35 -28.99 -0.72
N VAL B 315 11.46 -29.06 -1.45
CA VAL B 315 12.53 -29.99 -1.10
C VAL B 315 13.78 -29.24 -0.63
N GLU B 316 14.29 -29.66 0.53
CA GLU B 316 15.62 -29.32 1.08
C GLU B 316 15.63 -29.62 2.58
N ARG E 6 -19.66 24.99 -3.69
CA ARG E 6 -19.74 26.35 -3.17
C ARG E 6 -21.02 27.05 -3.61
N LEU E 7 -21.04 27.51 -4.86
CA LEU E 7 -22.16 28.30 -5.37
C LEU E 7 -22.75 27.73 -6.66
N TRP E 8 -24.05 27.43 -6.63
CA TRP E 8 -24.78 27.05 -7.83
C TRP E 8 -26.28 27.20 -7.63
N GLU E 9 -27.03 27.12 -8.72
CA GLU E 9 -28.48 27.30 -8.67
C GLU E 9 -29.14 26.17 -7.89
N GLY E 10 -29.74 26.51 -6.75
CA GLY E 10 -30.42 25.53 -5.92
C GLY E 10 -29.81 25.39 -4.54
N GLN E 11 -28.62 25.92 -4.36
CA GLN E 11 -27.95 25.87 -3.06
C GLN E 11 -28.61 26.79 -2.04
N ASP E 12 -28.77 26.29 -0.81
CA ASP E 12 -29.29 27.10 0.28
C ASP E 12 -28.14 27.70 1.08
N VAL E 13 -28.11 29.03 1.16
CA VAL E 13 -27.05 29.75 1.86
C VAL E 13 -27.60 30.76 2.85
N LEU E 14 -26.74 31.25 3.75
CA LEU E 14 -27.09 32.40 4.58
C LEU E 14 -26.57 33.66 3.93
N ALA E 15 -27.29 34.77 4.11
CA ALA E 15 -26.92 36.02 3.48
C ALA E 15 -26.92 37.17 4.49
N ARG E 16 -25.92 38.04 4.38
CA ARG E 16 -25.84 39.22 5.23
C ARG E 16 -26.57 40.37 4.57
N TRP E 17 -27.54 40.94 5.29
CA TRP E 17 -28.36 42.01 4.74
C TRP E 17 -27.83 43.38 5.13
N THR E 18 -28.47 44.43 4.62
CA THR E 18 -28.02 45.80 4.83
C THR E 18 -28.12 46.26 6.28
N ASP E 19 -28.75 45.46 7.13
CA ASP E 19 -28.81 45.76 8.56
C ASP E 19 -27.63 45.13 9.29
N GLY E 20 -26.80 44.40 8.54
CA GLY E 20 -25.66 43.70 9.11
C GLY E 20 -26.03 42.37 9.74
N LEU E 21 -27.25 41.91 9.50
CA LEU E 21 -27.73 40.65 10.08
C LEU E 21 -27.84 39.55 9.04
N LEU E 22 -28.04 38.31 9.50
CA LEU E 22 -28.04 37.15 8.63
C LEU E 22 -29.44 36.56 8.43
N TYR E 23 -29.76 36.23 7.18
CA TYR E 23 -31.04 35.63 6.84
C TYR E 23 -30.84 34.47 5.88
N LEU E 24 -31.82 33.57 5.80
CA LEU E 24 -31.71 32.38 4.96
C LEU E 24 -32.24 32.62 3.54
N GLY E 25 -31.82 31.79 2.60
CA GLY E 25 -32.22 31.93 1.22
C GLY E 25 -31.69 30.85 0.29
N THR E 26 -32.04 30.93 -0.98
CA THR E 26 -31.56 29.98 -1.99
C THR E 26 -30.97 30.72 -3.19
N ILE E 27 -29.96 30.12 -3.81
CA ILE E 27 -29.33 30.72 -4.98
C ILE E 27 -30.14 30.43 -6.25
N LYS E 28 -30.42 31.46 -7.02
CA LYS E 28 -31.17 31.32 -8.26
C LYS E 28 -30.25 31.45 -9.47
N LYS E 29 -29.29 32.36 -9.39
CA LYS E 29 -28.31 32.57 -10.45
C LYS E 29 -26.93 32.85 -9.87
N VAL E 30 -25.89 32.43 -10.58
CA VAL E 30 -24.52 32.67 -10.16
C VAL E 30 -23.73 33.42 -11.23
N ASP E 31 -23.11 34.54 -10.85
CA ASP E 31 -22.33 35.36 -11.77
C ASP E 31 -20.87 35.37 -11.34
N SER E 32 -20.02 34.70 -12.11
CA SER E 32 -18.60 34.61 -11.78
C SER E 32 -17.86 35.90 -12.12
N ALA E 33 -18.33 36.59 -13.15
CA ALA E 33 -17.67 37.80 -13.62
C ALA E 33 -17.74 38.95 -12.60
N ARG E 34 -18.95 39.22 -12.12
CA ARG E 34 -19.16 40.30 -11.16
C ARG E 34 -19.16 39.79 -9.73
N GLU E 35 -19.02 38.48 -9.57
CA GLU E 35 -19.02 37.81 -8.26
C GLU E 35 -20.27 38.18 -7.45
N VAL E 36 -21.43 38.02 -8.06
CA VAL E 36 -22.71 38.30 -7.41
C VAL E 36 -23.64 37.09 -7.55
N CYS E 37 -24.62 36.99 -6.65
CA CYS E 37 -25.59 35.89 -6.71
C CYS E 37 -27.02 36.36 -6.45
N LEU E 38 -27.91 36.05 -7.37
CA LEU E 38 -29.33 36.28 -7.18
C LEU E 38 -29.85 35.30 -6.12
N VAL E 39 -30.34 35.85 -5.01
CA VAL E 39 -30.81 35.01 -3.91
C VAL E 39 -32.26 35.29 -3.56
N GLN E 40 -33.06 34.23 -3.47
CA GLN E 40 -34.45 34.36 -3.01
C GLN E 40 -34.54 33.96 -1.54
N PHE E 41 -35.17 34.82 -0.74
CA PHE E 41 -35.23 34.61 0.70
C PHE E 41 -36.51 33.90 1.12
N GLU E 42 -36.71 33.77 2.43
CA GLU E 42 -37.86 33.08 2.99
C GLU E 42 -39.17 33.75 2.57
N ASP E 43 -39.18 35.08 2.56
CA ASP E 43 -40.38 35.83 2.18
C ASP E 43 -40.54 35.90 0.66
N ASP E 44 -39.74 35.10 -0.04
CA ASP E 44 -39.80 34.96 -1.50
C ASP E 44 -39.52 36.26 -2.26
N SER E 45 -38.73 37.14 -1.66
CA SER E 45 -38.21 38.29 -2.37
C SER E 45 -36.83 37.92 -2.92
N GLN E 46 -36.36 38.65 -3.93
CA GLN E 46 -35.06 38.33 -4.50
C GLN E 46 -34.26 39.56 -4.90
N PHE E 47 -33.02 39.63 -4.42
CA PHE E 47 -32.13 40.74 -4.71
C PHE E 47 -30.72 40.21 -5.04
N LEU E 48 -29.85 41.10 -5.52
CA LEU E 48 -28.47 40.74 -5.76
C LEU E 48 -27.69 40.70 -4.45
N VAL E 49 -27.11 39.53 -4.14
CA VAL E 49 -26.30 39.39 -2.94
C VAL E 49 -24.85 39.11 -3.32
N LEU E 50 -23.94 39.97 -2.85
CA LEU E 50 -22.52 39.81 -3.14
C LEU E 50 -21.97 38.52 -2.54
N TRP E 51 -20.95 37.96 -3.18
CA TRP E 51 -20.34 36.72 -2.73
C TRP E 51 -19.72 36.87 -1.34
N LYS E 52 -19.24 38.07 -1.04
CA LYS E 52 -18.61 38.34 0.24
C LYS E 52 -19.61 38.24 1.39
N ASP E 53 -20.90 38.32 1.07
CA ASP E 53 -21.94 38.28 2.10
C ASP E 53 -22.68 36.94 2.12
N ILE E 54 -22.13 35.97 1.41
CA ILE E 54 -22.73 34.62 1.34
C ILE E 54 -21.91 33.61 2.12
N SER E 55 -22.56 32.90 3.04
CA SER E 55 -21.87 31.91 3.85
C SER E 55 -22.68 30.61 3.99
N PRO E 56 -22.19 29.53 3.45
CA PRO E 56 -22.92 28.27 3.50
C PRO E 56 -22.90 27.63 4.88
N ALA E 57 -23.80 26.67 5.07
CA ALA E 57 -24.12 26.05 6.36
C ALA E 57 -23.13 24.97 6.80
N ALA E 58 -23.49 24.24 7.85
CA ALA E 58 -22.56 23.41 8.60
C ALA E 58 -21.94 22.29 7.77
N LEU E 59 -20.81 21.82 8.26
CA LEU E 59 -19.74 21.19 7.49
C LEU E 59 -19.05 20.01 8.19
N PRO E 60 -19.62 18.81 8.07
CA PRO E 60 -18.94 17.59 8.54
C PRO E 60 -18.05 16.96 7.45
N GLY E 61 -17.80 17.70 6.38
CA GLY E 61 -16.94 17.23 5.31
C GLY E 61 -15.54 17.80 5.41
N GLU E 62 -15.45 19.00 5.98
CA GLU E 62 -14.14 19.62 6.20
C GLU E 62 -13.90 19.92 7.68
N GLU E 63 -12.81 19.39 8.20
CA GLU E 63 -12.37 19.70 9.56
C GLU E 63 -10.88 20.03 9.52
N LEU E 64 -10.25 19.66 8.42
CA LEU E 64 -8.82 19.86 8.24
C LEU E 64 -8.58 20.90 7.15
N LEU E 65 -9.67 21.42 6.59
CA LEU E 65 -9.58 22.48 5.59
C LEU E 65 -9.97 23.84 6.18
N CYS E 66 -9.09 24.82 6.01
CA CYS E 66 -9.41 26.19 6.36
C CYS E 66 -10.49 26.72 5.43
N CYS E 67 -11.58 27.24 6.00
CA CYS E 67 -12.75 27.61 5.21
C CYS E 67 -12.50 28.81 4.27
N VAL E 68 -11.37 29.49 4.46
CA VAL E 68 -11.01 30.62 3.61
C VAL E 68 -10.09 30.20 2.46
N CYS E 69 -9.07 29.42 2.79
CA CYS E 69 -8.11 28.95 1.80
C CYS E 69 -8.60 27.71 1.05
N ARG E 70 -9.42 26.91 1.72
CA ARG E 70 -9.76 25.55 1.28
C ARG E 70 -8.47 24.73 1.18
N SER E 71 -7.46 25.18 1.90
CA SER E 71 -6.18 24.48 1.98
C SER E 71 -6.01 23.88 3.38
N GLU E 72 -4.94 23.12 3.56
CA GLU E 72 -4.78 22.32 4.77
C GLU E 72 -3.37 22.46 5.36
N THR E 73 -2.41 22.72 4.48
CA THR E 73 -1.01 22.84 4.87
C THR E 73 -0.83 23.85 6.00
N VAL E 74 -0.17 23.41 7.08
CA VAL E 74 0.09 24.29 8.22
C VAL E 74 1.60 24.49 8.44
N VAL E 75 1.92 25.63 9.03
CA VAL E 75 3.30 26.04 9.27
C VAL E 75 3.40 26.55 10.72
N PRO E 76 4.50 26.23 11.43
CA PRO E 76 4.72 26.55 12.85
C PRO E 76 4.12 27.86 13.34
N GLY E 77 4.17 28.91 12.51
CA GLY E 77 3.65 30.21 12.89
C GLY E 77 2.18 30.41 12.58
N ASN E 78 1.63 29.54 11.74
CA ASN E 78 0.25 29.71 11.27
C ASN E 78 -0.56 28.41 11.38
N ARG E 79 -0.90 28.03 12.61
CA ARG E 79 -1.61 26.78 12.86
C ARG E 79 -3.11 26.90 12.58
N LEU E 80 -3.84 25.80 12.76
CA LEU E 80 -5.28 25.78 12.52
C LEU E 80 -6.07 25.85 13.81
N VAL E 81 -7.13 26.67 13.82
CA VAL E 81 -8.02 26.77 14.96
C VAL E 81 -9.48 26.61 14.51
N SER E 82 -10.20 25.70 15.16
CA SER E 82 -11.60 25.46 14.84
C SER E 82 -12.51 26.20 15.81
N CYS E 83 -13.54 26.85 15.28
CA CYS E 83 -14.50 27.56 16.11
C CYS E 83 -15.44 26.56 16.79
N GLU E 84 -15.72 26.80 18.07
CA GLU E 84 -16.56 25.90 18.85
C GLU E 84 -17.97 25.77 18.29
N LYS E 85 -18.48 26.86 17.73
CA LYS E 85 -19.87 26.91 17.31
C LYS E 85 -20.02 26.86 15.79
N CYS E 86 -19.14 27.57 15.07
CA CYS E 86 -19.20 27.62 13.62
C CYS E 86 -18.95 26.27 12.99
N ARG E 87 -18.23 25.43 13.72
CA ARG E 87 -17.78 24.11 13.24
C ARG E 87 -16.77 24.29 12.09
N HIS E 88 -16.46 25.53 11.76
CA HIS E 88 -15.48 25.87 10.74
C HIS E 88 -14.07 25.79 11.31
N ALA E 89 -13.09 25.72 10.41
CA ALA E 89 -11.69 25.79 10.79
C ALA E 89 -11.01 26.95 10.06
N TYR E 90 -10.21 27.71 10.79
CA TYR E 90 -9.54 28.88 10.23
C TYR E 90 -8.03 28.79 10.36
N HIS E 91 -7.32 29.16 9.29
CA HIS E 91 -5.90 29.48 9.42
C HIS E 91 -5.81 30.74 10.29
N GLN E 92 -4.85 30.78 11.20
CA GLN E 92 -4.72 31.90 12.13
C GLN E 92 -4.62 33.23 11.40
N ASP E 93 -3.86 33.26 10.31
CA ASP E 93 -3.64 34.50 9.56
C ASP E 93 -4.68 34.70 8.45
N CYS E 94 -5.61 33.75 8.32
CA CYS E 94 -6.72 33.87 7.37
C CYS E 94 -7.95 34.42 8.06
N HIS E 95 -7.89 34.49 9.38
CA HIS E 95 -8.99 35.02 10.18
C HIS E 95 -8.72 36.48 10.52
N VAL E 96 -9.79 37.26 10.67
CA VAL E 96 -9.64 38.68 10.96
C VAL E 96 -10.32 39.02 12.28
N PRO E 97 -9.52 39.44 13.29
CA PRO E 97 -8.06 39.54 13.23
C PRO E 97 -7.38 38.19 13.45
N ARG E 98 -6.06 38.18 13.62
CA ARG E 98 -5.31 36.94 13.79
C ARG E 98 -5.87 36.08 14.92
N ALA E 99 -6.27 34.86 14.57
CA ALA E 99 -6.79 33.92 15.56
C ALA E 99 -5.67 33.43 16.47
N PRO E 100 -5.90 33.47 17.79
CA PRO E 100 -4.89 33.07 18.78
C PRO E 100 -4.80 31.56 18.95
N ALA E 101 -3.59 31.06 19.13
CA ALA E 101 -3.38 29.63 19.40
C ALA E 101 -3.53 29.35 20.89
N PRO E 102 -4.03 28.15 21.25
CA PRO E 102 -4.21 27.80 22.66
C PRO E 102 -2.88 27.63 23.40
N SER E 109 -12.16 26.63 22.73
CA SER E 109 -11.22 27.65 23.20
C SER E 109 -11.35 28.93 22.38
N TRP E 110 -12.14 28.89 21.31
CA TRP E 110 -12.18 30.01 20.37
C TRP E 110 -13.49 30.12 19.62
N VAL E 111 -14.03 31.34 19.55
CA VAL E 111 -15.22 31.63 18.76
C VAL E 111 -14.88 32.66 17.68
N CYS E 112 -15.17 32.33 16.43
CA CYS E 112 -14.70 33.12 15.31
C CYS E 112 -15.48 34.43 15.14
N ARG E 113 -15.03 35.25 14.20
CA ARG E 113 -15.60 36.57 13.96
C ARG E 113 -17.05 36.50 13.50
N GLN E 114 -17.36 35.58 12.59
CA GLN E 114 -18.70 35.42 12.06
C GLN E 114 -19.70 35.08 13.16
N CYS E 115 -19.29 34.24 14.10
CA CYS E 115 -20.16 33.83 15.19
C CYS E 115 -20.34 34.92 16.24
N VAL E 116 -19.23 35.57 16.60
CA VAL E 116 -19.27 36.64 17.59
C VAL E 116 -20.21 37.76 17.12
N PHE E 117 -20.13 38.13 15.85
CA PHE E 117 -21.04 39.11 15.29
C PHE E 117 -22.46 38.57 15.24
N ALA E 118 -22.61 37.28 14.93
CA ALA E 118 -23.93 36.66 14.88
C ALA E 118 -24.58 36.64 16.26
N ILE E 119 -23.78 36.42 17.29
CA ILE E 119 -24.27 36.34 18.66
C ILE E 119 -24.51 37.73 19.27
N ALA E 120 -23.55 38.64 19.09
CA ALA E 120 -23.57 39.91 19.79
C ALA E 120 -24.46 40.97 19.14
N THR E 121 -24.59 40.93 17.81
CA THR E 121 -25.38 41.93 17.12
C THR E 121 -26.87 41.78 17.39
N LYS E 122 -27.46 42.82 17.98
CA LYS E 122 -28.89 42.85 18.23
C LYS E 122 -29.46 44.17 17.71
N ARG E 123 -30.69 44.14 17.23
CA ARG E 123 -31.35 45.35 16.75
C ARG E 123 -31.49 46.35 17.88
N GLY E 124 -31.23 47.62 17.58
CA GLY E 124 -31.26 48.67 18.59
C GLY E 124 -29.89 48.91 19.19
N GLY E 125 -28.96 47.99 18.95
CA GLY E 125 -27.62 48.08 19.48
C GLY E 125 -27.11 46.75 19.99
N ALA E 126 -25.87 46.40 19.63
CA ALA E 126 -25.29 45.13 20.01
C ALA E 126 -25.10 45.01 21.52
N LEU E 127 -24.90 43.78 21.98
CA LEU E 127 -24.66 43.51 23.40
C LEU E 127 -23.49 44.33 23.92
N LYS E 128 -23.74 45.11 24.98
CA LYS E 128 -22.74 46.02 25.49
C LYS E 128 -21.81 45.38 26.52
N LYS E 129 -22.38 44.54 27.39
CA LYS E 129 -21.60 43.89 28.44
C LYS E 129 -21.66 42.36 28.30
N GLY E 130 -20.72 41.68 28.97
CA GLY E 130 -20.69 40.24 28.93
C GLY E 130 -19.50 39.67 28.16
N PRO E 131 -19.47 38.35 27.99
CA PRO E 131 -18.39 37.65 27.28
C PRO E 131 -18.30 38.01 25.80
N TYR E 132 -19.43 37.92 25.10
CA TYR E 132 -19.49 38.17 23.66
C TYR E 132 -19.49 39.66 23.33
N ALA E 133 -19.40 40.49 24.36
CA ALA E 133 -19.34 41.94 24.16
C ALA E 133 -17.89 42.41 24.10
N ARG E 134 -17.09 41.97 25.08
CA ARG E 134 -15.67 42.28 25.11
C ARG E 134 -14.96 41.58 23.95
N ALA E 135 -15.48 40.41 23.57
CA ALA E 135 -14.96 39.67 22.43
C ALA E 135 -15.28 40.39 21.12
N MET E 136 -16.41 41.09 21.10
CA MET E 136 -16.80 41.84 19.91
C MET E 136 -15.92 43.07 19.76
N LEU E 137 -15.60 43.69 20.90
CA LEU E 137 -14.72 44.87 20.92
C LEU E 137 -13.35 44.55 20.33
N GLY E 138 -12.83 43.36 20.64
CA GLY E 138 -11.55 42.91 20.11
C GLY E 138 -11.61 42.69 18.62
N MET E 139 -12.72 42.15 18.14
CA MET E 139 -12.92 41.89 16.72
C MET E 139 -12.99 43.18 15.91
N LYS E 140 -13.61 44.20 16.50
CA LYS E 140 -13.89 45.44 15.77
C LYS E 140 -12.67 46.37 15.67
N LEU E 141 -11.52 45.88 16.14
CA LEU E 141 -10.28 46.65 16.02
C LEU E 141 -9.67 46.46 14.63
N SER E 142 -10.08 45.40 13.95
CA SER E 142 -9.59 45.11 12.60
C SER E 142 -10.74 45.02 11.61
N LEU E 143 -10.47 45.34 10.35
CA LEU E 143 -11.48 45.29 9.30
C LEU E 143 -11.19 44.17 8.29
N PRO E 144 -12.24 43.47 7.84
CA PRO E 144 -12.12 42.38 6.86
C PRO E 144 -12.10 42.88 5.42
N TYR E 145 -11.71 44.13 5.23
CA TYR E 145 -11.59 44.73 3.90
C TYR E 145 -10.61 45.88 3.94
N GLY E 146 -10.15 46.30 2.77
CA GLY E 146 -9.23 47.43 2.68
C GLY E 146 -9.97 48.74 2.77
N LEU E 147 -9.84 49.42 3.90
CA LEU E 147 -10.60 50.65 4.17
C LEU E 147 -10.25 51.74 3.16
N LYS E 148 -8.97 51.96 2.94
CA LYS E 148 -8.53 53.06 2.09
C LYS E 148 -8.58 52.70 0.60
N GLY E 149 -9.13 51.54 0.29
CA GLY E 149 -9.25 51.10 -1.09
C GLY E 149 -10.65 51.28 -1.65
N LEU E 150 -11.59 51.64 -0.79
CA LEU E 150 -12.98 51.81 -1.20
C LEU E 150 -13.17 53.00 -2.13
N ASP E 151 -14.08 52.87 -3.09
CA ASP E 151 -14.37 53.96 -4.02
C ASP E 151 -15.71 54.58 -3.68
N TRP E 152 -15.67 55.75 -3.07
CA TRP E 152 -16.88 56.45 -2.61
C TRP E 152 -17.42 57.42 -3.64
N ASP E 153 -18.70 57.73 -3.53
CA ASP E 153 -19.32 58.76 -4.37
C ASP E 153 -18.96 60.16 -3.87
N ALA E 154 -19.60 61.18 -4.43
CA ALA E 154 -19.30 62.56 -4.10
C ALA E 154 -19.68 62.91 -2.66
N GLY E 155 -20.74 62.29 -2.16
CA GLY E 155 -21.23 62.57 -0.81
C GLY E 155 -20.68 61.65 0.26
N HIS E 156 -19.84 60.70 -0.16
CA HIS E 156 -19.28 59.68 0.74
C HIS E 156 -20.39 58.94 1.47
N LEU E 157 -21.46 58.61 0.74
CA LEU E 157 -22.61 57.92 1.31
C LEU E 157 -22.59 56.43 0.97
N SER E 158 -22.07 56.11 -0.22
CA SER E 158 -21.99 54.72 -0.66
C SER E 158 -20.70 54.46 -1.43
N ASN E 159 -20.17 53.24 -1.30
CA ASN E 159 -18.97 52.85 -2.04
C ASN E 159 -19.26 51.70 -3.00
N ARG E 160 -18.47 51.62 -4.07
CA ARG E 160 -18.68 50.63 -5.13
C ARG E 160 -18.58 49.19 -4.62
N GLN E 161 -17.65 48.95 -3.72
CA GLN E 161 -17.44 47.62 -3.17
C GLN E 161 -18.59 47.16 -2.27
N GLN E 162 -19.41 48.12 -1.84
CA GLN E 162 -20.48 47.87 -0.87
C GLN E 162 -19.92 47.23 0.40
N SER E 163 -18.77 47.72 0.85
CA SER E 163 -18.19 47.30 2.12
C SER E 163 -18.40 48.37 3.18
N TYR E 164 -19.08 48.00 4.26
CA TYR E 164 -19.36 48.96 5.33
C TYR E 164 -19.06 48.36 6.70
N CYS E 165 -19.03 49.22 7.70
CA CYS E 165 -19.05 48.82 9.10
C CYS E 165 -17.84 47.97 9.52
N TYR E 166 -17.95 47.35 10.69
CA TYR E 166 -16.93 46.43 11.17
C TYR E 166 -17.08 45.06 10.52
N CYS E 167 -18.31 44.72 10.15
CA CYS E 167 -18.61 43.39 9.63
C CYS E 167 -18.21 43.23 8.16
N GLY E 168 -18.29 44.30 7.39
CA GLY E 168 -17.95 44.25 5.99
C GLY E 168 -19.15 43.96 5.09
N GLY E 169 -20.34 44.00 5.69
CA GLY E 169 -21.56 43.75 4.94
C GLY E 169 -22.01 44.97 4.15
N PRO E 170 -23.07 44.81 3.35
CA PRO E 170 -23.64 45.93 2.59
C PRO E 170 -24.43 46.85 3.51
N GLY E 171 -24.99 47.92 2.97
CA GLY E 171 -25.80 48.82 3.79
C GLY E 171 -26.15 50.13 3.15
N GLU E 172 -27.24 50.73 3.63
CA GLU E 172 -27.65 52.06 3.21
C GLU E 172 -27.51 53.02 4.37
N TRP E 173 -26.73 54.09 4.15
CA TRP E 173 -26.39 55.04 5.21
C TRP E 173 -27.62 55.57 5.96
N ASN E 174 -28.72 55.76 5.22
CA ASN E 174 -29.93 56.35 5.79
C ASN E 174 -30.78 55.34 6.56
N LEU E 175 -30.45 54.06 6.46
CA LEU E 175 -31.22 53.02 7.14
C LEU E 175 -30.50 52.49 8.37
N LYS E 176 -30.60 53.25 9.47
CA LYS E 176 -29.99 52.89 10.75
C LYS E 176 -28.49 52.65 10.65
N MET E 177 -27.76 53.66 10.19
CA MET E 177 -26.29 53.59 10.16
C MET E 177 -25.67 54.88 10.68
N LEU E 178 -24.51 54.76 11.34
CA LEU E 178 -23.78 55.89 11.88
C LEU E 178 -22.46 56.10 11.15
N GLN E 179 -22.17 57.35 10.78
CA GLN E 179 -20.93 57.66 10.10
C GLN E 179 -19.85 58.14 11.07
N CYS E 180 -18.70 57.49 11.04
CA CYS E 180 -17.56 57.90 11.86
C CYS E 180 -16.96 59.20 11.33
N ARG E 181 -16.69 60.14 12.24
CA ARG E 181 -16.20 61.46 11.82
C ARG E 181 -14.73 61.45 11.39
N SER E 182 -14.03 60.35 11.67
CA SER E 182 -12.61 60.26 11.34
C SER E 182 -12.36 59.58 10.00
N CYS E 183 -12.93 58.39 9.83
CA CYS E 183 -12.70 57.60 8.62
C CYS E 183 -13.85 57.71 7.61
N LEU E 184 -14.94 58.35 8.03
CA LEU E 184 -16.12 58.60 7.19
C LEU E 184 -16.84 57.33 6.73
N GLN E 185 -16.50 56.20 7.36
CA GLN E 185 -17.17 54.94 7.08
C GLN E 185 -18.49 54.85 7.84
N TRP E 186 -19.49 54.18 7.26
CA TRP E 186 -20.78 54.03 7.92
C TRP E 186 -20.87 52.70 8.68
N PHE E 187 -21.57 52.71 9.81
CA PHE E 187 -21.61 51.54 10.69
C PHE E 187 -23.04 51.19 11.08
N HIS E 188 -23.36 49.90 11.00
CA HIS E 188 -24.70 49.39 11.30
C HIS E 188 -25.10 49.65 12.74
N GLU E 189 -26.38 49.95 12.95
CA GLU E 189 -26.94 50.10 14.29
C GLU E 189 -26.69 48.86 15.12
N ALA E 190 -26.98 47.69 14.55
CA ALA E 190 -26.87 46.42 15.24
C ALA E 190 -25.42 46.04 15.56
N CYS E 191 -24.46 46.76 14.98
CA CYS E 191 -23.04 46.44 15.19
C CYS E 191 -22.35 47.42 16.13
N THR E 192 -23.08 48.45 16.57
CA THR E 192 -22.53 49.42 17.51
C THR E 192 -22.81 49.02 18.95
N GLN E 193 -22.09 49.62 19.89
CA GLN E 193 -22.27 49.29 21.31
C GLN E 193 -22.35 50.54 22.17
N CYS E 194 -22.64 51.68 21.55
CA CYS E 194 -22.56 52.95 22.24
C CYS E 194 -23.88 53.72 22.29
N LEU E 195 -24.87 53.26 21.52
CA LEU E 195 -26.15 53.96 21.45
C LEU E 195 -26.98 53.75 22.71
N SER E 196 -27.68 54.80 23.15
CA SER E 196 -28.60 54.70 24.27
C SER E 196 -30.02 54.45 23.76
N LYS E 197 -30.30 54.95 22.56
CA LYS E 197 -31.58 54.75 21.90
C LYS E 197 -31.38 54.33 20.46
N PRO E 198 -32.31 53.51 19.92
CA PRO E 198 -32.22 53.08 18.52
C PRO E 198 -32.24 54.27 17.56
N LEU E 199 -31.68 54.11 16.37
CA LEU E 199 -31.54 55.21 15.43
C LEU E 199 -32.80 55.44 14.59
N LEU E 200 -33.11 56.71 14.36
CA LEU E 200 -34.14 57.07 13.38
C LEU E 200 -33.51 57.16 12.00
N TYR E 201 -34.34 56.98 10.97
CA TYR E 201 -33.85 57.01 9.60
C TYR E 201 -33.31 58.38 9.20
N GLY E 202 -32.13 58.38 8.58
CA GLY E 202 -31.54 59.61 8.06
C GLY E 202 -30.94 60.52 9.11
N ASP E 203 -30.89 60.06 10.35
CA ASP E 203 -30.44 60.90 11.46
C ASP E 203 -28.93 61.05 11.49
N ARG E 204 -28.43 62.15 10.95
CA ARG E 204 -27.00 62.42 10.94
C ARG E 204 -26.63 63.46 12.00
N PHE E 205 -27.54 63.68 12.95
CA PHE E 205 -27.28 64.60 14.05
C PHE E 205 -26.49 63.92 15.15
N TYR E 206 -25.36 63.32 14.78
CA TYR E 206 -24.48 62.66 15.72
C TYR E 206 -23.02 63.03 15.46
N GLU E 207 -22.20 62.88 16.48
CA GLU E 207 -20.75 62.85 16.30
C GLU E 207 -20.26 61.51 16.81
N PHE E 208 -19.90 60.63 15.88
CA PHE E 208 -19.55 59.26 16.20
C PHE E 208 -18.11 58.95 15.78
N GLU E 209 -17.44 58.09 16.55
CA GLU E 209 -16.08 57.68 16.22
C GLU E 209 -15.92 56.18 16.48
N CYS E 210 -15.48 55.45 15.46
CA CYS E 210 -15.46 53.98 15.51
C CYS E 210 -14.29 53.42 16.31
N CYS E 211 -14.34 52.12 16.59
CA CYS E 211 -13.32 51.45 17.37
C CYS E 211 -11.97 51.41 16.69
N VAL E 212 -11.97 51.25 15.36
CA VAL E 212 -10.72 51.18 14.60
C VAL E 212 -9.94 52.48 14.71
N CYS E 213 -10.65 53.60 14.63
CA CYS E 213 -10.02 54.91 14.71
C CYS E 213 -9.52 55.23 16.11
N ARG E 214 -10.28 54.85 17.14
CA ARG E 214 -9.95 55.17 18.52
C ARG E 214 -9.02 54.12 19.16
N GLY E 215 -9.12 52.88 18.70
CA GLY E 215 -8.32 51.81 19.28
C GLY E 215 -8.89 51.33 20.61
N GLY E 216 -10.20 51.43 20.73
CA GLY E 216 -10.90 51.01 21.93
C GLY E 216 -12.39 51.15 21.72
N PRO E 217 -13.15 51.29 22.82
CA PRO E 217 -14.61 51.47 22.74
C PRO E 217 -15.01 52.70 21.94
N GLU E 218 -16.18 52.65 21.31
CA GLU E 218 -16.69 53.75 20.52
C GLU E 218 -16.98 54.99 21.38
N LYS E 219 -17.11 56.14 20.71
CA LYS E 219 -17.51 57.38 21.39
C LYS E 219 -18.55 58.10 20.55
N VAL E 220 -19.67 58.45 21.19
CA VAL E 220 -20.77 59.09 20.47
C VAL E 220 -21.38 60.24 21.29
N ARG E 221 -21.67 61.34 20.61
CA ARG E 221 -22.35 62.47 21.25
C ARG E 221 -23.53 62.92 20.39
N ARG E 222 -24.63 63.30 21.05
CA ARG E 222 -25.82 63.75 20.36
C ARG E 222 -25.77 65.25 20.09
N LEU E 223 -25.83 65.63 18.81
CA LEU E 223 -25.85 67.03 18.44
C LEU E 223 -27.19 67.68 18.80
N GLN E 224 -27.22 69.00 18.87
CA GLN E 224 -28.43 69.71 19.27
C GLN E 224 -29.30 70.04 18.07
N LEU E 225 -30.54 69.54 18.10
CA LEU E 225 -31.49 69.81 17.01
C LEU E 225 -32.25 71.12 17.25
N ARG E 226 -32.50 71.84 16.17
CA ARG E 226 -33.41 72.98 16.21
C ARG E 226 -34.83 72.46 15.95
N TRP E 227 -35.83 73.32 16.12
CA TRP E 227 -37.21 72.89 15.92
C TRP E 227 -37.48 72.52 14.46
N VAL E 228 -36.80 73.21 13.54
CA VAL E 228 -36.94 72.89 12.12
C VAL E 228 -36.27 71.55 11.82
N ASP E 229 -35.25 71.20 12.60
CA ASP E 229 -34.56 69.92 12.44
C ASP E 229 -35.43 68.78 12.97
N VAL E 230 -36.14 69.03 14.07
CA VAL E 230 -37.03 68.04 14.64
C VAL E 230 -38.17 67.72 13.68
N ALA E 231 -38.72 68.77 13.06
CA ALA E 231 -39.81 68.60 12.12
C ALA E 231 -39.38 67.84 10.87
N HIS E 232 -38.16 68.13 10.40
CA HIS E 232 -37.65 67.50 9.20
C HIS E 232 -37.32 66.03 9.44
N LEU E 233 -36.67 65.76 10.57
CA LEU E 233 -36.28 64.41 10.93
C LEU E 233 -37.49 63.51 11.15
N VAL E 234 -38.49 64.02 11.87
CA VAL E 234 -39.70 63.26 12.15
C VAL E 234 -40.45 62.92 10.87
N LEU E 235 -40.54 63.91 9.97
CA LEU E 235 -41.22 63.69 8.69
C LEU E 235 -40.51 62.67 7.83
N TYR E 236 -39.19 62.77 7.73
CA TYR E 236 -38.42 61.84 6.91
C TYR E 236 -38.51 60.42 7.44
N HIS E 237 -38.38 60.27 8.76
CA HIS E 237 -38.46 58.96 9.40
C HIS E 237 -39.80 58.29 9.13
N LEU E 238 -40.88 59.06 9.22
CA LEU E 238 -42.21 58.53 8.94
C LEU E 238 -42.38 58.23 7.46
N SER E 239 -41.76 59.06 6.63
CA SER E 239 -41.79 58.88 5.17
C SER E 239 -41.20 57.54 4.76
N VAL E 240 -40.11 57.16 5.41
CA VAL E 240 -39.46 55.88 5.15
C VAL E 240 -40.30 54.72 5.71
N CYS E 241 -40.90 54.94 6.88
CA CYS E 241 -41.71 53.93 7.54
C CYS E 241 -43.01 53.61 6.80
N CYS E 242 -43.87 54.61 6.65
CA CYS E 242 -45.20 54.42 6.09
C CYS E 242 -45.19 54.40 4.56
N LYS E 243 -44.08 54.86 3.98
CA LYS E 243 -43.91 54.91 2.53
C LYS E 243 -45.02 55.72 1.85
N LYS E 244 -45.44 56.80 2.51
CA LYS E 244 -46.34 57.77 1.90
C LYS E 244 -45.73 59.16 2.03
N LYS E 245 -46.44 60.19 1.56
CA LYS E 245 -45.85 61.52 1.49
C LYS E 245 -46.37 62.49 2.55
N TYR E 246 -47.69 62.60 2.69
CA TYR E 246 -48.27 63.60 3.57
C TYR E 246 -48.74 63.01 4.89
N PHE E 247 -48.56 63.78 5.97
CA PHE E 247 -48.93 63.35 7.30
C PHE E 247 -49.71 64.43 8.04
N ASP E 248 -50.77 64.03 8.74
CA ASP E 248 -51.58 64.95 9.54
C ASP E 248 -50.82 65.36 10.80
N PHE E 249 -50.72 66.66 11.02
CA PHE E 249 -49.95 67.19 12.15
C PHE E 249 -50.50 66.76 13.51
N ASP E 250 -51.83 66.70 13.62
CA ASP E 250 -52.46 66.49 14.91
C ASP E 250 -52.58 65.01 15.32
N ARG E 251 -52.61 64.11 14.35
CA ARG E 251 -52.83 62.69 14.65
C ARG E 251 -51.71 61.77 14.14
N GLU E 252 -50.62 62.35 13.66
CA GLU E 252 -49.49 61.54 13.18
C GLU E 252 -48.13 62.13 13.57
N ILE E 253 -47.88 63.37 13.15
CA ILE E 253 -46.59 64.02 13.40
C ILE E 253 -46.39 64.31 14.88
N LEU E 254 -47.29 65.09 15.48
CA LEU E 254 -47.18 65.48 16.88
C LEU E 254 -47.23 64.31 17.88
N PRO E 255 -48.13 63.33 17.68
CA PRO E 255 -48.10 62.22 18.63
C PRO E 255 -46.80 61.39 18.58
N PHE E 256 -46.27 61.17 17.38
CA PHE E 256 -45.01 60.46 17.25
C PHE E 256 -43.90 61.19 17.98
N THR E 257 -43.95 62.53 17.91
CA THR E 257 -42.97 63.37 18.59
C THR E 257 -43.20 63.34 20.10
N SER E 258 -44.42 62.97 20.51
CA SER E 258 -44.75 62.90 21.93
C SER E 258 -44.61 61.48 22.47
N GLU E 259 -44.92 60.48 21.63
CA GLU E 259 -44.83 59.08 22.04
C GLU E 259 -43.39 58.57 22.01
N ASN E 260 -42.50 59.33 21.38
CA ASN E 260 -41.11 58.92 21.25
C ASN E 260 -40.16 60.04 21.65
N TRP E 261 -40.65 60.97 22.46
CA TRP E 261 -39.88 62.16 22.84
C TRP E 261 -38.52 61.81 23.45
N ASP E 262 -38.47 60.76 24.25
CA ASP E 262 -37.23 60.36 24.91
C ASP E 262 -36.27 59.67 23.95
N SER E 263 -36.83 58.99 22.95
CA SER E 263 -36.00 58.31 21.95
C SER E 263 -35.59 59.26 20.83
N LEU E 264 -35.90 60.55 20.98
CA LEU E 264 -35.54 61.54 19.98
C LEU E 264 -34.28 62.30 20.37
N LEU E 265 -33.98 62.32 21.66
CA LEU E 265 -32.75 62.94 22.17
C LEU E 265 -32.59 64.39 21.72
N LEU E 266 -33.49 65.26 22.20
CA LEU E 266 -33.52 66.64 21.74
C LEU E 266 -32.76 67.59 22.67
N GLY E 267 -32.20 67.05 23.75
CA GLY E 267 -31.36 67.80 24.66
C GLY E 267 -32.03 69.02 25.29
N GLU E 268 -31.60 70.20 24.87
CA GLU E 268 -32.08 71.46 25.44
C GLU E 268 -33.55 71.73 25.10
N LEU E 269 -34.08 71.01 24.11
CA LEU E 269 -35.48 71.19 23.73
C LEU E 269 -36.41 70.44 24.68
N SER E 270 -35.83 69.72 25.63
CA SER E 270 -36.59 69.07 26.69
C SER E 270 -36.96 70.08 27.76
N ASP E 271 -36.32 71.24 27.71
CA ASP E 271 -36.59 72.33 28.65
C ASP E 271 -37.71 73.23 28.15
N THR E 272 -38.41 72.77 27.11
CA THR E 272 -39.55 73.48 26.55
C THR E 272 -40.85 72.87 27.08
N PRO E 273 -41.72 73.68 27.67
CA PRO E 273 -42.97 73.21 28.26
C PRO E 273 -43.89 72.55 27.25
N LYS E 274 -44.56 71.47 27.67
CA LYS E 274 -45.48 70.76 26.79
C LYS E 274 -46.66 71.63 26.40
N GLY E 275 -47.03 71.59 25.12
CA GLY E 275 -48.09 72.43 24.61
C GLY E 275 -47.51 73.54 23.74
N GLU E 276 -46.35 74.03 24.13
CA GLU E 276 -45.63 75.03 23.34
C GLU E 276 -44.76 74.32 22.31
N ARG E 277 -44.70 72.99 22.43
CA ARG E 277 -43.94 72.17 21.49
C ARG E 277 -44.61 72.18 20.11
N SER E 278 -45.91 71.88 20.09
CA SER E 278 -46.66 71.82 18.84
C SER E 278 -46.66 73.16 18.12
N SER E 279 -46.64 74.24 18.89
CA SER E 279 -46.56 75.59 18.32
C SER E 279 -45.27 75.77 17.53
N ARG E 280 -44.15 75.44 18.17
CA ARG E 280 -42.84 75.58 17.53
C ARG E 280 -42.68 74.61 16.36
N LEU E 281 -43.31 73.45 16.48
CA LEU E 281 -43.31 72.46 15.40
C LEU E 281 -44.10 72.94 14.19
N LEU E 282 -45.38 73.26 14.42
CA LEU E 282 -46.27 73.69 13.34
C LEU E 282 -45.75 74.96 12.67
N SER E 283 -45.11 75.83 13.45
CA SER E 283 -44.51 77.03 12.91
C SER E 283 -43.40 76.68 11.93
N ALA E 284 -42.54 75.74 12.32
CA ALA E 284 -41.46 75.27 11.47
C ALA E 284 -42.00 74.66 10.17
N LEU E 285 -43.08 73.90 10.30
CA LEU E 285 -43.71 73.26 9.15
C LEU E 285 -44.33 74.29 8.20
N ASN E 286 -44.77 75.42 8.76
CA ASN E 286 -45.45 76.44 7.98
C ASN E 286 -44.53 77.59 7.54
N SER E 287 -43.37 77.72 8.17
CA SER E 287 -42.46 78.81 7.85
C SER E 287 -41.29 78.37 6.99
N HIS E 288 -41.12 77.05 6.85
CA HIS E 288 -40.08 76.51 5.98
C HIS E 288 -40.70 75.79 4.79
N LYS E 289 -41.22 76.56 3.85
CA LYS E 289 -41.92 75.99 2.70
C LYS E 289 -40.94 75.49 1.65
N ASP E 290 -39.65 75.65 1.92
CA ASP E 290 -38.60 75.09 1.07
C ASP E 290 -38.31 73.65 1.46
N ARG E 291 -38.79 73.27 2.64
CA ARG E 291 -38.60 71.92 3.14
C ARG E 291 -39.90 71.11 3.08
N PHE E 292 -40.99 71.72 3.52
CA PHE E 292 -42.27 71.02 3.60
C PHE E 292 -43.34 71.61 2.67
N ILE E 293 -44.41 70.87 2.46
CA ILE E 293 -45.56 71.34 1.68
C ILE E 293 -46.88 70.94 2.34
N SER E 294 -47.92 71.74 2.11
CA SER E 294 -49.24 71.48 2.70
C SER E 294 -50.19 70.81 1.70
N GLY E 295 -51.08 69.98 2.23
CA GLY E 295 -52.11 69.34 1.44
C GLY E 295 -53.47 69.51 2.09
N ARG E 296 -54.47 68.78 1.60
CA ARG E 296 -55.80 68.87 2.19
C ARG E 296 -56.55 67.54 2.20
N GLU E 297 -57.67 67.53 2.92
CA GLU E 297 -58.54 66.38 3.03
C GLU E 297 -59.12 65.95 1.68
N CYS E 303 -53.55 71.25 6.35
CA CYS E 303 -53.62 70.54 7.63
C CYS E 303 -52.66 69.36 7.66
N LEU E 304 -52.12 69.00 6.50
CA LEU E 304 -51.14 67.93 6.40
C LEU E 304 -49.82 68.48 5.88
N PHE E 305 -48.74 67.72 6.09
CA PHE E 305 -47.42 68.16 5.67
C PHE E 305 -46.60 67.04 5.04
N GLY E 306 -45.90 67.37 3.96
CA GLY E 306 -45.05 66.42 3.28
C GLY E 306 -43.62 66.91 3.16
N LEU E 307 -42.83 66.23 2.33
CA LEU E 307 -41.43 66.57 2.16
C LEU E 307 -41.08 66.78 0.69
N HIS E 308 -40.24 67.77 0.42
CA HIS E 308 -39.76 68.04 -0.93
C HIS E 308 -38.72 67.01 -1.36
N ALA E 309 -39.09 66.18 -2.34
CA ALA E 309 -38.20 65.15 -2.89
C ALA E 309 -37.69 64.17 -1.84
N ARG E 310 -38.41 64.10 -0.71
CA ARG E 310 -38.05 63.24 0.41
C ARG E 310 -36.60 63.45 0.85
N MET E 311 -36.21 64.71 0.99
CA MET E 311 -34.84 65.05 1.35
C MET E 311 -34.56 64.75 2.83
N PRO E 312 -33.55 63.90 3.09
CA PRO E 312 -33.12 63.64 4.47
C PRO E 312 -32.61 64.92 5.14
N PRO E 313 -32.74 65.01 6.47
CA PRO E 313 -32.38 66.22 7.23
C PRO E 313 -30.90 66.55 7.15
N PRO E 314 -30.56 67.75 6.64
CA PRO E 314 -29.17 68.21 6.58
C PRO E 314 -28.64 68.59 7.97
N VAL E 315 -27.37 68.97 8.05
CA VAL E 315 -26.77 69.32 9.33
C VAL E 315 -26.40 70.81 9.43
N GLU E 316 -25.47 71.12 10.31
CA GLU E 316 -25.06 72.51 10.55
C GLU E 316 -24.43 73.12 9.29
#